data_8VUC
#
_entry.id   8VUC
#
_cell.length_a   67.389
_cell.length_b   67.389
_cell.length_c   168.232
_cell.angle_alpha   90.000
_cell.angle_beta   90.000
_cell.angle_gamma   120.000
#
_symmetry.space_group_name_H-M   'P 32'
#
loop_
_entity.id
_entity.type
_entity.pdbx_description
1 polymer 'S1CE2 VARIANT OF FAB-EPR-1 heavy chain'
2 polymer 'S1CE3 VARIANT OF FAB-EPR-1 light chain'
3 non-polymer 1,2-ETHANEDIOL
4 non-polymer 'SULFATE ION'
5 non-polymer 'CHLORIDE ION'
6 water water
#
loop_
_entity_poly.entity_id
_entity_poly.type
_entity_poly.pdbx_seq_one_letter_code
_entity_poly.pdbx_strand_id
1 'polypeptide(L)'
;EVQLVESGGGLVQPGGSLRLSCAASGFNLRSYYMHWVRQAPGKGLEWVASISPYYSYTYYADSVKGRFTISADTSKNTAY
LQMNSLRAEDTAVYYCARHGYGAMDYWGQGTLVTVFNQIQGPSVFPLAPSSKSTSGGTAALGCLVKDYFPGPVTVSWNSG
ALTSGVHTFPAVLQSSGLYSLSSVVTVPSSSLGTQTYICNVNHKPSNTKVDKKVEPKSCDKTHT
;
A,B
2 'polypeptide(L)'
;DIQMTQSPSSLSASVGDRVTITCRASQSVSSAVAWYQQKPGKAPKLLIYSASSLYSGVPSRFSGSRSGTDFTLTISSLQP
EDFATYYCQQSSYSLITFGQGTKVEIKRTVAAPSVFIFPPSDEQLKSGTASVVCLLNNFYPREAKVSWYVDNALQSGNSQ
ESVTEQDSKDSTYSLSSTLTLSKADYEKHKVYACEVTQGTTSVTKSFNRGEC
;
G,C
#
loop_
_chem_comp.id
_chem_comp.type
_chem_comp.name
_chem_comp.formula
CL non-polymer 'CHLORIDE ION' 'Cl -1'
EDO non-polymer 1,2-ETHANEDIOL 'C2 H6 O2'
SO4 non-polymer 'SULFATE ION' 'O4 S -2'
#
# COMPACT_ATOMS: atom_id res chain seq x y z
N GLU A 1 -24.65 -9.22 33.98
CA GLU A 1 -23.52 -8.40 34.37
C GLU A 1 -23.01 -7.64 33.15
N VAL A 2 -22.76 -6.34 33.33
CA VAL A 2 -22.23 -5.50 32.27
C VAL A 2 -20.81 -5.94 31.93
N GLN A 3 -20.62 -6.51 30.75
CA GLN A 3 -19.35 -7.10 30.35
C GLN A 3 -18.92 -6.50 29.02
N LEU A 4 -17.63 -6.16 28.90
CA LEU A 4 -17.08 -5.58 27.68
C LEU A 4 -15.97 -6.52 27.20
N VAL A 5 -16.32 -7.47 26.34
CA VAL A 5 -15.39 -8.51 25.89
C VAL A 5 -14.97 -8.20 24.47
N GLU A 6 -13.66 -8.11 24.25
CA GLU A 6 -13.09 -7.73 22.96
C GLU A 6 -12.55 -8.95 22.22
N SER A 7 -12.53 -8.85 20.89
CA SER A 7 -11.95 -9.90 20.05
C SER A 7 -11.64 -9.34 18.68
N GLY A 8 -11.01 -10.17 17.86
CA GLY A 8 -10.65 -9.80 16.50
C GLY A 8 -9.19 -9.46 16.30
N GLY A 9 -8.45 -9.20 17.38
CA GLY A 9 -7.06 -8.82 17.25
C GLY A 9 -6.18 -9.95 16.77
N GLY A 10 -5.04 -9.58 16.22
CA GLY A 10 -4.08 -10.53 15.71
C GLY A 10 -3.04 -9.85 14.85
N LEU A 11 -2.26 -10.66 14.14
CA LEU A 11 -1.23 -10.14 13.26
C LEU A 11 -1.88 -9.67 11.95
N VAL A 12 -1.38 -8.56 11.41
CA VAL A 12 -1.94 -8.01 10.17
C VAL A 12 -0.85 -7.31 9.37
N GLN A 13 -0.97 -7.35 8.04
CA GLN A 13 -0.01 -6.75 7.12
C GLN A 13 -0.29 -5.27 6.89
N PRO A 14 0.72 -4.50 6.47
CA PRO A 14 0.54 -3.05 6.31
C PRO A 14 -0.35 -2.69 5.13
N GLY A 15 -1.17 -1.64 5.33
CA GLY A 15 -2.19 -1.26 4.38
C GLY A 15 -3.18 -2.38 4.16
N GLY A 16 -3.63 -2.97 5.26
CA GLY A 16 -4.55 -4.09 5.25
C GLY A 16 -5.75 -3.77 6.13
N SER A 17 -6.39 -4.83 6.63
CA SER A 17 -7.69 -4.66 7.26
C SER A 17 -7.89 -5.72 8.35
N LEU A 18 -8.40 -5.27 9.49
CA LEU A 18 -8.71 -6.13 10.62
C LEU A 18 -9.90 -5.53 11.36
N ARG A 19 -10.74 -6.38 11.95
CA ARG A 19 -11.95 -5.95 12.65
C ARG A 19 -11.91 -6.35 14.11
N LEU A 20 -11.95 -5.36 15.00
CA LEU A 20 -12.07 -5.63 16.42
C LEU A 20 -13.53 -5.57 16.82
N SER A 21 -13.90 -6.40 17.78
CA SER A 21 -15.25 -6.47 18.30
C SER A 21 -15.24 -6.04 19.76
N CYS A 22 -16.25 -5.27 20.16
CA CYS A 22 -16.45 -4.84 21.54
C CYS A 22 -17.84 -5.28 21.99
N ALA A 23 -17.95 -6.55 22.37
CA ALA A 23 -19.21 -7.14 22.82
C ALA A 23 -19.68 -6.51 24.14
N ALA A 24 -20.85 -5.88 24.12
CA ALA A 24 -21.44 -5.28 25.30
C ALA A 24 -22.61 -6.14 25.77
N SER A 25 -22.56 -6.52 27.04
CA SER A 25 -23.67 -7.20 27.68
C SER A 25 -24.12 -6.37 28.87
N GLY A 26 -25.31 -6.67 29.38
CA GLY A 26 -25.84 -5.99 30.55
C GLY A 26 -26.62 -4.73 30.19
N PHE A 27 -25.95 -3.81 29.52
CA PHE A 27 -26.56 -2.55 29.08
C PHE A 27 -26.77 -2.61 27.56
N ASN A 28 -27.47 -1.58 27.05
CA ASN A 28 -28.08 -1.64 25.72
C ASN A 28 -27.19 -1.19 24.57
N LEU A 29 -26.04 -0.59 24.86
CA LEU A 29 -25.07 -0.09 23.88
C LEU A 29 -25.56 1.14 23.13
N ARG A 30 -26.72 1.05 22.51
CA ARG A 30 -27.29 2.21 21.84
C ARG A 30 -27.85 3.24 22.83
N SER A 31 -27.50 3.10 24.11
CA SER A 31 -27.93 4.03 25.14
C SER A 31 -26.80 4.82 25.77
N TYR A 32 -25.55 4.49 25.44
CA TYR A 32 -24.39 5.24 25.90
C TYR A 32 -23.42 5.40 24.74
N TYR A 33 -22.68 6.49 24.76
CA TYR A 33 -21.56 6.66 23.84
C TYR A 33 -20.52 5.55 24.03
N MET A 34 -19.87 5.16 22.94
CA MET A 34 -18.86 4.10 22.96
C MET A 34 -17.58 4.58 22.28
N HIS A 35 -16.43 4.34 22.92
CA HIS A 35 -15.15 4.83 22.42
C HIS A 35 -14.11 3.71 22.31
N TRP A 36 -13.23 3.85 21.33
CA TRP A 36 -12.02 3.05 21.21
C TRP A 36 -10.83 3.93 21.53
N VAL A 37 -10.00 3.49 22.47
CA VAL A 37 -8.72 4.14 22.77
C VAL A 37 -7.64 3.07 22.71
N ARG A 38 -6.46 3.44 22.22
CA ARG A 38 -5.40 2.46 21.97
C ARG A 38 -4.12 2.89 22.68
N GLN A 39 -3.13 1.99 22.73
CA GLN A 39 -1.93 2.25 23.52
C GLN A 39 -0.75 1.45 22.92
N ALA A 40 0.09 2.15 22.17
CA ALA A 40 1.26 1.51 21.58
C ALA A 40 2.23 1.09 22.70
N PRO A 41 2.93 -0.03 22.53
CA PRO A 41 3.68 -0.61 23.65
C PRO A 41 4.56 0.46 24.27
N GLY A 42 4.45 0.60 25.60
CA GLY A 42 5.27 1.55 26.33
C GLY A 42 4.94 3.01 26.12
N LYS A 43 3.78 3.32 25.56
CA LYS A 43 3.36 4.69 25.32
C LYS A 43 2.07 5.00 26.08
N GLY A 44 1.56 6.21 25.86
CA GLY A 44 0.41 6.70 26.58
C GLY A 44 -0.90 6.24 25.96
N LEU A 45 -1.99 6.90 26.41
CA LEU A 45 -3.35 6.62 25.97
C LEU A 45 -3.73 7.53 24.81
N GLU A 46 -4.24 6.94 23.73
CA GLU A 46 -4.67 7.68 22.56
C GLU A 46 -6.11 7.30 22.23
N TRP A 47 -7.00 8.28 22.19
CA TRP A 47 -8.36 8.07 21.74
C TRP A 47 -8.36 7.84 20.23
N VAL A 48 -9.20 6.92 19.78
CA VAL A 48 -9.26 6.55 18.37
C VAL A 48 -10.59 6.93 17.73
N ALA A 49 -11.71 6.55 18.35
CA ALA A 49 -13.00 6.80 17.71
C ALA A 49 -14.15 6.66 18.70
N SER A 50 -15.27 7.27 18.34
CA SER A 50 -16.47 7.25 19.16
C SER A 50 -17.70 7.11 18.27
N ILE A 51 -18.77 6.55 18.83
CA ILE A 51 -20.05 6.35 18.14
C ILE A 51 -21.17 6.79 19.08
N SER A 52 -22.09 7.68 18.58
CA SER A 52 -23.14 8.22 19.42
C SER A 52 -24.31 7.24 19.50
N PRO A 53 -25.06 7.26 20.59
CA PRO A 53 -26.12 6.25 20.76
C PRO A 53 -27.32 6.51 19.89
N TYR A 54 -27.69 7.77 19.67
CA TYR A 54 -28.81 8.11 18.80
C TYR A 54 -28.30 8.47 17.41
N TYR A 55 -28.83 7.79 16.40
CA TYR A 55 -28.57 8.04 14.98
C TYR A 55 -27.11 7.82 14.58
N SER A 56 -26.32 7.19 15.44
CA SER A 56 -24.98 6.70 15.11
C SER A 56 -24.10 7.72 14.36
N TYR A 57 -24.09 8.96 14.86
CA TYR A 57 -23.14 9.97 14.41
C TYR A 57 -21.76 9.64 15.00
N THR A 58 -20.76 9.40 14.12
CA THR A 58 -19.41 8.97 14.52
C THR A 58 -18.40 10.12 14.41
N TYR A 59 -17.36 10.06 15.26
CA TYR A 59 -16.25 11.02 15.25
C TYR A 59 -14.96 10.29 15.57
N TYR A 60 -13.88 10.68 14.87
CA TYR A 60 -12.61 9.97 14.95
C TYR A 60 -11.49 10.95 15.24
N ALA A 61 -10.35 10.42 15.70
CA ALA A 61 -9.16 11.25 15.88
C ALA A 61 -8.52 11.53 14.54
N ASP A 62 -8.00 12.74 14.40
CA ASP A 62 -7.39 13.23 13.16
C ASP A 62 -6.49 12.16 12.56
N SER A 63 -5.74 11.46 13.43
CA SER A 63 -4.76 10.49 12.94
C SER A 63 -5.43 9.31 12.23
N VAL A 64 -6.67 8.96 12.58
CA VAL A 64 -7.29 7.77 12.03
C VAL A 64 -8.38 8.06 11.01
N LYS A 65 -8.74 9.33 10.79
CA LYS A 65 -9.85 9.66 9.89
C LYS A 65 -9.70 8.97 8.55
N GLY A 66 -10.83 8.50 8.01
CA GLY A 66 -10.86 7.89 6.70
C GLY A 66 -10.18 6.55 6.55
N ARG A 67 -9.37 6.11 7.52
CA ARG A 67 -8.76 4.79 7.48
C ARG A 67 -9.46 3.77 8.38
N PHE A 68 -9.86 4.16 9.58
CA PHE A 68 -10.58 3.31 10.50
C PHE A 68 -12.07 3.60 10.36
N THR A 69 -12.89 2.57 10.57
CA THR A 69 -14.34 2.76 10.53
C THR A 69 -14.96 2.12 11.75
N ILE A 70 -15.70 2.92 12.53
CA ILE A 70 -16.40 2.44 13.72
C ILE A 70 -17.87 2.19 13.38
N SER A 71 -18.42 1.09 13.88
CA SER A 71 -19.79 0.72 13.60
C SER A 71 -20.35 0.02 14.84
N ALA A 72 -21.67 -0.07 14.90
CA ALA A 72 -22.33 -0.80 15.98
C ALA A 72 -23.48 -1.59 15.39
N ASP A 73 -23.93 -2.56 16.17
CA ASP A 73 -25.07 -3.42 15.82
C ASP A 73 -25.75 -3.81 17.13
N THR A 74 -27.01 -3.39 17.30
CA THR A 74 -27.70 -3.69 18.56
C THR A 74 -28.16 -5.14 18.60
N SER A 75 -28.38 -5.77 17.45
CA SER A 75 -28.71 -7.20 17.44
C SER A 75 -27.68 -8.00 18.22
N LYS A 76 -26.40 -7.80 17.91
CA LYS A 76 -25.35 -8.47 18.66
C LYS A 76 -24.87 -7.65 19.86
N ASN A 77 -25.38 -6.43 20.03
CA ASN A 77 -24.96 -5.55 21.12
C ASN A 77 -23.43 -5.39 21.18
N THR A 78 -22.79 -5.27 20.01
CA THR A 78 -21.34 -5.16 19.92
C THR A 78 -20.98 -4.01 19.00
N ALA A 79 -19.91 -3.31 19.33
CA ALA A 79 -19.34 -2.30 18.44
C ALA A 79 -18.10 -2.85 17.75
N TYR A 80 -17.89 -2.41 16.51
CA TYR A 80 -16.75 -2.84 15.73
C TYR A 80 -15.87 -1.65 15.37
N LEU A 81 -14.58 -1.92 15.29
CA LEU A 81 -13.66 -0.96 14.72
C LEU A 81 -13.07 -1.65 13.50
N GLN A 82 -13.58 -1.30 12.32
CA GLN A 82 -12.94 -1.76 11.11
C GLN A 82 -11.74 -0.89 10.81
N MET A 83 -10.56 -1.50 10.81
CA MET A 83 -9.33 -0.80 10.53
C MET A 83 -8.91 -1.10 9.09
N ASN A 84 -8.75 -0.06 8.30
CA ASN A 84 -8.28 -0.20 6.94
C ASN A 84 -7.06 0.69 6.75
N SER A 85 -6.28 0.35 5.73
CA SER A 85 -5.05 1.07 5.41
C SER A 85 -4.14 1.07 6.63
N LEU A 86 -3.94 -0.12 7.18
CA LEU A 86 -3.24 -0.31 8.44
C LEU A 86 -1.77 0.08 8.35
N ARG A 87 -1.31 0.87 9.32
CA ARG A 87 0.07 1.32 9.41
C ARG A 87 0.78 0.62 10.57
N ALA A 88 2.11 0.75 10.59
CA ALA A 88 2.88 0.24 11.73
C ALA A 88 2.67 1.08 12.98
N GLU A 89 2.28 2.35 12.82
CA GLU A 89 1.91 3.19 13.96
C GLU A 89 0.68 2.68 14.67
N ASP A 90 -0.10 1.83 14.02
CA ASP A 90 -1.33 1.30 14.57
C ASP A 90 -1.09 0.08 15.44
N THR A 91 0.16 -0.38 15.57
CA THR A 91 0.42 -1.51 16.47
C THR A 91 0.22 -1.03 17.90
N ALA A 92 -0.70 -1.68 18.62
CA ALA A 92 -1.10 -1.21 19.93
C ALA A 92 -2.12 -2.19 20.49
N VAL A 93 -2.32 -2.11 21.80
CA VAL A 93 -3.50 -2.71 22.41
C VAL A 93 -4.66 -1.75 22.19
N TYR A 94 -5.77 -2.27 21.70
CA TYR A 94 -6.96 -1.47 21.45
C TYR A 94 -7.99 -1.79 22.52
N TYR A 95 -8.40 -0.79 23.29
CA TYR A 95 -9.45 -0.93 24.28
C TYR A 95 -10.77 -0.42 23.72
N CYS A 96 -11.88 -0.96 24.21
CA CYS A 96 -13.18 -0.33 24.04
C CYS A 96 -13.72 0.02 25.42
N ALA A 97 -14.39 1.17 25.52
CA ALA A 97 -14.86 1.71 26.79
C ALA A 97 -16.15 2.50 26.60
N ARG A 98 -17.02 2.46 27.61
CA ARG A 98 -18.32 3.13 27.58
C ARG A 98 -18.26 4.50 28.27
N HIS A 99 -18.94 5.47 27.69
CA HIS A 99 -18.99 6.83 28.23
C HIS A 99 -19.97 6.90 29.39
N GLY A 100 -19.53 7.44 30.52
CA GLY A 100 -20.39 7.66 31.67
C GLY A 100 -19.91 8.81 32.52
N TYR A 101 -20.77 9.79 32.79
CA TYR A 101 -20.41 10.99 33.53
C TYR A 101 -19.16 11.64 32.91
N GLY A 102 -19.37 12.17 31.69
CA GLY A 102 -18.39 12.92 30.95
C GLY A 102 -17.06 12.25 30.72
N ALA A 103 -16.97 10.95 31.03
CA ALA A 103 -15.71 10.23 30.98
C ALA A 103 -15.95 8.77 30.60
N MET A 104 -15.16 7.85 31.14
CA MET A 104 -15.16 6.47 30.70
C MET A 104 -15.12 5.55 31.91
N ASP A 105 -16.22 4.82 32.16
CA ASP A 105 -16.33 4.02 33.37
C ASP A 105 -15.92 2.57 33.16
N TYR A 106 -16.57 1.87 32.23
CA TYR A 106 -16.27 0.46 31.97
C TYR A 106 -15.31 0.33 30.80
N TRP A 107 -14.44 -0.68 30.90
CA TRP A 107 -13.45 -0.95 29.87
C TRP A 107 -13.47 -2.41 29.49
N GLY A 108 -13.09 -2.68 28.26
CA GLY A 108 -12.75 -4.01 27.84
C GLY A 108 -11.37 -4.42 28.32
N GLN A 109 -11.07 -5.70 28.12
CA GLN A 109 -9.77 -6.23 28.51
C GLN A 109 -8.65 -5.79 27.55
N GLY A 110 -9.00 -5.41 26.33
CA GLY A 110 -8.02 -4.95 25.37
C GLY A 110 -7.52 -6.08 24.51
N THR A 111 -7.54 -5.91 23.19
CA THR A 111 -7.00 -6.89 22.27
C THR A 111 -5.83 -6.29 21.50
N LEU A 112 -4.79 -7.08 21.27
CA LEU A 112 -3.56 -6.59 20.67
C LEU A 112 -3.61 -6.65 19.14
N VAL A 113 -3.21 -5.55 18.50
CA VAL A 113 -3.13 -5.48 17.05
C VAL A 113 -1.65 -5.35 16.70
N THR A 114 -1.12 -6.37 16.03
CA THR A 114 0.31 -6.48 15.77
C THR A 114 0.50 -6.39 14.26
N VAL A 115 0.95 -5.21 13.77
CA VAL A 115 1.29 -5.05 12.37
C VAL A 115 2.65 -5.72 12.07
N PHE A 116 2.81 -6.23 10.85
CA PHE A 116 3.98 -7.05 10.53
C PHE A 116 4.06 -7.27 9.02
N ASN A 117 5.28 -7.17 8.45
CA ASN A 117 5.49 -7.55 7.05
C ASN A 117 5.66 -9.06 6.93
N GLN A 118 6.64 -9.63 7.65
CA GLN A 118 6.77 -11.07 7.75
C GLN A 118 7.21 -11.45 9.16
N ILE A 119 6.94 -12.70 9.49
CA ILE A 119 7.18 -13.27 10.79
C ILE A 119 8.60 -13.82 10.79
N GLN A 120 9.35 -13.54 11.85
CA GLN A 120 10.71 -14.04 11.98
C GLN A 120 10.85 -14.63 13.37
N GLY A 121 11.21 -15.91 13.42
CA GLY A 121 11.58 -16.54 14.66
C GLY A 121 12.93 -16.03 15.12
N PRO A 122 13.22 -16.23 16.41
CA PRO A 122 14.40 -15.65 17.04
C PRO A 122 15.62 -16.54 16.94
N SER A 123 16.78 -15.90 16.93
CA SER A 123 18.06 -16.53 17.26
C SER A 123 18.38 -16.22 18.71
N VAL A 124 18.84 -17.21 19.47
CA VAL A 124 19.11 -17.06 20.90
C VAL A 124 20.58 -17.30 21.15
N PHE A 125 21.25 -16.34 21.81
CA PHE A 125 22.68 -16.48 22.05
C PHE A 125 22.98 -16.39 23.53
N PRO A 126 23.98 -17.12 24.00
CA PRO A 126 24.27 -17.08 25.44
C PRO A 126 25.02 -15.82 25.79
N LEU A 127 24.72 -15.30 26.97
CA LEU A 127 25.51 -14.26 27.61
C LEU A 127 26.21 -14.98 28.78
N ALA A 128 27.41 -15.47 28.51
CA ALA A 128 28.11 -16.38 29.40
C ALA A 128 28.80 -15.60 30.51
N PRO A 129 28.68 -16.07 31.75
CA PRO A 129 29.48 -15.51 32.84
C PRO A 129 30.97 -15.77 32.62
N SER A 130 31.79 -14.90 33.20
CA SER A 130 33.24 -15.00 33.17
C SER A 130 33.79 -13.99 34.19
N SER A 131 35.12 -13.87 34.24
CA SER A 131 35.77 -12.90 35.14
C SER A 131 35.41 -11.46 34.84
N LYS A 132 34.91 -11.18 33.63
CA LYS A 132 34.38 -9.88 33.23
C LYS A 132 32.90 -9.74 33.56
N SER A 133 32.34 -10.72 34.29
CA SER A 133 30.93 -10.70 34.68
C SER A 133 30.78 -11.00 36.16
N THR A 134 31.84 -10.88 36.96
CA THR A 134 31.78 -11.32 38.34
C THR A 134 32.29 -10.24 39.27
N SER A 135 31.37 -9.72 40.10
CA SER A 135 31.62 -8.65 41.04
C SER A 135 30.97 -8.96 42.39
N GLY A 136 31.72 -8.78 43.46
CA GLY A 136 31.18 -8.83 44.81
C GLY A 136 30.46 -10.10 45.17
N GLY A 137 31.00 -11.25 44.77
CA GLY A 137 30.36 -12.54 45.01
C GLY A 137 29.21 -12.87 44.10
N THR A 138 28.99 -12.11 43.06
CA THR A 138 27.82 -12.29 42.20
C THR A 138 28.29 -12.47 40.77
N ALA A 139 27.76 -13.47 40.11
CA ALA A 139 27.98 -13.70 38.70
C ALA A 139 26.70 -13.41 37.92
N ALA A 140 26.86 -12.72 36.80
CA ALA A 140 25.77 -12.43 35.92
C ALA A 140 25.89 -13.29 34.66
N LEU A 141 24.74 -13.76 34.18
CA LEU A 141 24.61 -14.55 32.98
C LEU A 141 23.26 -14.24 32.37
N GLY A 142 23.10 -14.54 31.09
CA GLY A 142 21.83 -14.21 30.45
C GLY A 142 21.68 -14.85 29.10
N CYS A 143 20.64 -14.39 28.38
CA CYS A 143 20.30 -14.89 27.05
C CYS A 143 19.93 -13.72 26.11
N LEU A 144 20.63 -13.63 24.99
CA LEU A 144 20.35 -12.62 23.99
C LEU A 144 19.43 -13.22 22.92
N VAL A 145 18.22 -12.66 22.81
CA VAL A 145 17.20 -13.09 21.84
C VAL A 145 17.11 -12.01 20.76
N LYS A 146 17.56 -12.36 19.57
CA LYS A 146 17.81 -11.36 18.54
C LYS A 146 17.02 -11.64 17.26
N ASP A 147 16.62 -10.56 16.58
CA ASP A 147 16.19 -10.60 15.18
C ASP A 147 14.87 -11.36 15.01
N TYR A 148 13.91 -11.08 15.86
CA TYR A 148 12.61 -11.71 15.76
C TYR A 148 11.55 -10.68 15.40
N PHE A 149 10.47 -11.14 14.80
CA PHE A 149 9.40 -10.19 14.55
C PHE A 149 8.10 -10.94 14.32
N PRO A 150 6.99 -10.47 14.90
CA PRO A 150 6.93 -9.34 15.81
C PRO A 150 6.94 -9.80 17.27
N GLY A 151 6.55 -8.96 18.22
CA GLY A 151 6.45 -9.37 19.59
C GLY A 151 5.19 -10.16 19.85
N PRO A 152 5.12 -10.75 21.05
CA PRO A 152 6.18 -10.76 22.07
C PRO A 152 7.00 -12.03 22.05
N VAL A 153 8.21 -11.98 22.63
CA VAL A 153 8.90 -13.15 23.15
C VAL A 153 8.73 -13.06 24.65
N THR A 154 8.62 -14.21 25.28
CA THR A 154 8.60 -14.34 26.72
C THR A 154 9.82 -15.15 27.16
N VAL A 155 10.44 -14.76 28.25
CA VAL A 155 11.62 -15.48 28.73
C VAL A 155 11.38 -15.90 30.18
N SER A 156 11.64 -17.16 30.47
CA SER A 156 11.73 -17.64 31.84
C SER A 156 13.09 -18.31 32.03
N TRP A 157 13.43 -18.59 33.28
CA TRP A 157 14.68 -19.25 33.61
C TRP A 157 14.40 -20.51 34.39
N ASN A 158 14.98 -21.62 33.92
CA ASN A 158 14.80 -22.92 34.54
C ASN A 158 13.31 -23.20 34.76
N SER A 159 12.53 -22.94 33.71
CA SER A 159 11.13 -23.30 33.68
C SER A 159 10.34 -22.66 34.83
N GLY A 160 10.83 -21.53 35.35
CA GLY A 160 10.17 -20.79 36.40
C GLY A 160 10.67 -21.07 37.81
N ALA A 161 11.50 -22.10 38.01
CA ALA A 161 12.12 -22.30 39.32
C ALA A 161 13.01 -21.12 39.67
N LEU A 162 13.71 -20.56 38.69
CA LEU A 162 14.62 -19.46 38.89
C LEU A 162 13.88 -18.18 38.56
N THR A 163 13.63 -17.37 39.59
CA THR A 163 12.78 -16.20 39.46
C THR A 163 13.42 -14.98 40.10
N SER A 164 14.17 -15.18 41.18
CA SER A 164 14.84 -14.08 41.85
C SER A 164 16.07 -13.64 41.09
N GLY A 165 16.31 -12.34 41.05
CA GLY A 165 17.45 -11.80 40.34
C GLY A 165 17.26 -11.64 38.85
N VAL A 166 16.15 -12.12 38.28
CA VAL A 166 15.93 -12.10 36.84
C VAL A 166 15.58 -10.70 36.38
N HIS A 167 16.06 -10.34 35.18
CA HIS A 167 15.65 -9.10 34.51
C HIS A 167 15.47 -9.42 33.05
N THR A 168 14.24 -9.34 32.56
CA THR A 168 13.99 -9.42 31.14
C THR A 168 13.65 -8.03 30.61
N PHE A 169 14.46 -7.54 29.76
CA PHE A 169 14.31 -6.15 29.37
C PHE A 169 13.20 -5.98 28.35
N PRO A 170 12.61 -4.79 28.28
CA PRO A 170 11.72 -4.49 27.16
C PRO A 170 12.45 -4.75 25.86
N ALA A 171 11.72 -5.25 24.87
CA ALA A 171 12.29 -5.42 23.54
C ALA A 171 12.59 -4.06 22.93
N VAL A 172 13.63 -4.00 22.10
CA VAL A 172 14.00 -2.79 21.35
C VAL A 172 13.90 -3.05 19.85
N LEU A 173 13.63 -1.98 19.11
CA LEU A 173 13.53 -2.07 17.66
C LEU A 173 14.89 -1.73 17.07
N GLN A 174 15.55 -2.71 16.46
CA GLN A 174 16.84 -2.48 15.86
C GLN A 174 16.63 -1.77 14.54
N SER A 175 17.68 -1.14 14.03
CA SER A 175 17.47 -0.34 12.81
C SER A 175 17.07 -1.21 11.62
N SER A 176 17.04 -2.54 11.79
CA SER A 176 16.70 -3.52 10.76
C SER A 176 15.20 -3.82 10.66
N GLY A 177 14.39 -3.32 11.58
CA GLY A 177 13.00 -3.70 11.62
C GLY A 177 12.72 -4.91 12.48
N LEU A 178 13.78 -5.62 12.92
CA LEU A 178 13.64 -6.79 13.76
C LEU A 178 13.87 -6.41 15.22
N TYR A 179 13.12 -7.07 16.10
CA TYR A 179 13.15 -6.85 17.54
C TYR A 179 14.32 -7.60 18.18
N SER A 180 14.69 -7.13 19.36
CA SER A 180 15.80 -7.72 20.09
C SER A 180 15.62 -7.43 21.55
N LEU A 181 15.90 -8.44 22.38
CA LEU A 181 15.91 -8.25 23.82
C LEU A 181 16.88 -9.24 24.46
N SER A 182 17.21 -8.95 25.72
CA SER A 182 18.05 -9.80 26.58
C SER A 182 17.34 -10.08 27.89
N SER A 183 17.60 -11.25 28.43
CA SER A 183 17.11 -11.62 29.75
C SER A 183 18.32 -12.07 30.53
N VAL A 184 18.56 -11.44 31.67
CA VAL A 184 19.73 -11.70 32.49
C VAL A 184 19.28 -12.15 33.88
N VAL A 185 20.21 -12.77 34.61
CA VAL A 185 20.01 -13.13 36.00
C VAL A 185 21.36 -13.03 36.70
N THR A 186 21.35 -12.50 37.94
CA THR A 186 22.53 -12.52 38.79
C THR A 186 22.38 -13.64 39.81
N VAL A 187 23.44 -14.43 39.98
CA VAL A 187 23.41 -15.58 40.87
C VAL A 187 24.73 -15.54 41.70
N PRO A 188 24.74 -16.21 42.85
CA PRO A 188 26.00 -16.29 43.60
C PRO A 188 27.08 -16.98 42.78
N SER A 189 28.30 -16.46 42.88
CA SER A 189 29.39 -17.00 42.06
C SER A 189 29.58 -18.48 42.30
N SER A 190 29.50 -18.92 43.55
CA SER A 190 29.70 -20.32 43.89
C SER A 190 28.69 -21.24 43.19
N SER A 191 27.49 -20.73 42.92
CA SER A 191 26.45 -21.54 42.26
C SER A 191 26.82 -21.97 40.85
N LEU A 192 27.78 -21.32 40.20
CA LEU A 192 28.06 -21.59 38.80
C LEU A 192 28.45 -23.03 38.55
N GLY A 193 28.95 -23.74 39.55
CA GLY A 193 29.37 -25.12 39.37
C GLY A 193 28.40 -26.08 40.05
N THR A 194 27.42 -25.49 40.74
CA THR A 194 26.39 -26.20 41.48
C THR A 194 25.06 -26.26 40.75
N GLN A 195 24.75 -25.28 39.91
CA GLN A 195 23.46 -25.21 39.26
C GLN A 195 23.62 -24.98 37.76
N THR A 196 22.76 -25.61 36.97
CA THR A 196 22.67 -25.30 35.56
C THR A 196 21.71 -24.14 35.36
N TYR A 197 21.98 -23.31 34.37
CA TYR A 197 21.13 -22.16 34.09
C TYR A 197 20.66 -22.26 32.64
N ILE A 198 19.34 -22.38 32.47
CA ILE A 198 18.69 -22.50 31.18
C ILE A 198 17.69 -21.37 31.05
N CYS A 199 17.74 -20.66 29.95
CA CYS A 199 16.71 -19.68 29.63
C CYS A 199 15.70 -20.35 28.69
N ASN A 200 14.42 -20.06 28.89
CA ASN A 200 13.36 -20.63 28.09
C ASN A 200 12.73 -19.49 27.29
N VAL A 201 13.04 -19.44 26.00
CA VAL A 201 12.51 -18.40 25.12
C VAL A 201 11.34 -18.98 24.35
N ASN A 202 10.24 -18.22 24.31
CA ASN A 202 8.98 -18.61 23.66
C ASN A 202 8.55 -17.51 22.72
N HIS A 203 8.40 -17.83 21.43
CA HIS A 203 7.95 -16.85 20.44
C HIS A 203 6.77 -17.47 19.69
N LYS A 204 5.58 -17.19 20.18
CA LYS A 204 4.40 -17.88 19.67
C LYS A 204 4.12 -17.63 18.19
N PRO A 205 4.32 -16.44 17.62
CA PRO A 205 3.97 -16.22 16.21
C PRO A 205 4.78 -17.04 15.21
N SER A 206 5.94 -17.56 15.58
CA SER A 206 6.70 -18.45 14.72
C SER A 206 6.68 -19.88 15.24
N ASN A 207 5.91 -20.13 16.30
CA ASN A 207 5.86 -21.41 17.00
C ASN A 207 7.25 -21.97 17.24
N THR A 208 8.13 -21.10 17.75
CA THR A 208 9.50 -21.45 18.10
C THR A 208 9.64 -21.49 19.61
N LYS A 209 10.19 -22.59 20.11
CA LYS A 209 10.68 -22.70 21.48
C LYS A 209 12.18 -22.86 21.42
N VAL A 210 12.90 -22.16 22.28
CA VAL A 210 14.33 -22.41 22.40
C VAL A 210 14.65 -22.56 23.86
N ASP A 211 15.58 -23.47 24.18
CA ASP A 211 16.08 -23.64 25.53
C ASP A 211 17.60 -23.64 25.47
N LYS A 212 18.22 -22.65 26.13
CA LYS A 212 19.66 -22.41 26.05
C LYS A 212 20.29 -22.58 27.43
N LYS A 213 21.07 -23.64 27.60
CA LYS A 213 21.87 -23.80 28.80
C LYS A 213 23.04 -22.83 28.74
N VAL A 214 23.09 -21.88 29.66
CA VAL A 214 24.16 -20.89 29.64
C VAL A 214 25.28 -21.37 30.55
N GLU A 215 26.48 -21.51 29.97
CA GLU A 215 27.65 -22.09 30.60
C GLU A 215 28.78 -21.06 30.65
N PRO A 216 29.65 -21.13 31.65
CA PRO A 216 30.81 -20.21 31.70
C PRO A 216 31.65 -20.28 30.43
N LYS A 217 32.14 -19.12 29.98
CA LYS A 217 33.00 -19.09 28.79
C LYS A 217 34.22 -19.98 28.98
N SER A 218 34.35 -20.99 28.12
CA SER A 218 35.51 -21.88 28.17
C SER A 218 36.74 -21.15 27.64
N CYS A 219 37.80 -21.09 28.46
CA CYS A 219 39.05 -20.41 28.13
C CYS A 219 39.92 -21.27 27.18
N ASP A 220 40.37 -20.67 26.07
CA ASP A 220 41.13 -21.44 25.09
C ASP A 220 42.59 -21.64 25.53
N LYS A 221 43.15 -20.70 26.29
CA LYS A 221 44.50 -20.83 26.84
C LYS A 221 44.61 -20.03 28.14
N ILE B 2 -6.94 20.21 20.80
CA ILE B 2 -6.75 20.62 22.18
C ILE B 2 -5.74 19.71 22.88
N GLN B 3 -4.61 20.29 23.28
CA GLN B 3 -3.51 19.56 23.88
C GLN B 3 -3.60 19.60 25.41
N MET B 4 -3.77 18.42 26.01
CA MET B 4 -3.72 18.28 27.47
C MET B 4 -2.25 18.08 27.84
N THR B 5 -1.58 19.13 28.30
CA THR B 5 -0.17 19.04 28.66
C THR B 5 -0.07 18.68 30.16
N GLN B 6 0.57 17.55 30.44
CA GLN B 6 0.58 16.94 31.77
C GLN B 6 1.96 17.03 32.42
N SER B 7 1.96 17.39 33.71
CA SER B 7 3.18 17.54 34.47
C SER B 7 3.02 16.98 35.89
N PRO B 8 4.09 16.40 36.43
CA PRO B 8 5.38 16.22 35.75
C PRO B 8 5.29 14.94 34.94
N SER B 9 6.32 14.56 34.19
CA SER B 9 6.25 13.26 33.54
C SER B 9 6.51 12.16 34.56
N SER B 10 7.41 12.40 35.52
CA SER B 10 7.71 11.43 36.56
C SER B 10 8.03 12.14 37.88
N LEU B 11 7.94 11.38 38.96
CA LEU B 11 8.33 11.84 40.29
C LEU B 11 8.40 10.63 41.21
N SER B 12 9.22 10.74 42.25
CA SER B 12 9.35 9.69 43.25
C SER B 12 8.98 10.24 44.62
N ALA B 13 8.05 9.57 45.29
CA ALA B 13 7.64 9.95 46.63
C ALA B 13 7.62 8.72 47.51
N SER B 14 7.36 8.94 48.80
CA SER B 14 7.30 7.86 49.77
C SER B 14 5.86 7.59 50.15
N VAL B 15 5.62 6.37 50.65
CA VAL B 15 4.31 6.08 51.24
C VAL B 15 4.05 7.12 52.31
N GLY B 16 2.82 7.63 52.35
CA GLY B 16 2.49 8.70 53.27
C GLY B 16 2.85 10.09 52.79
N ASP B 17 3.49 10.22 51.64
CA ASP B 17 3.75 11.52 51.06
C ASP B 17 2.46 12.12 50.52
N ARG B 18 2.40 13.44 50.48
CA ARG B 18 1.33 14.10 49.75
C ARG B 18 1.81 14.33 48.33
N VAL B 19 0.93 14.04 47.37
CA VAL B 19 1.34 13.99 45.98
C VAL B 19 0.30 14.72 45.14
N THR B 20 0.79 15.53 44.20
CA THR B 20 -0.04 16.43 43.42
C THR B 20 0.41 16.29 41.97
N ILE B 21 -0.55 16.04 41.08
CA ILE B 21 -0.28 15.93 39.66
C ILE B 21 -1.17 16.94 38.95
N THR B 22 -0.58 17.73 38.07
CA THR B 22 -1.35 18.78 37.41
C THR B 22 -1.40 18.55 35.91
N CYS B 23 -2.44 19.10 35.31
CA CYS B 23 -2.75 18.94 33.90
C CYS B 23 -3.35 20.26 33.44
N ARG B 24 -2.77 20.88 32.39
CA ARG B 24 -3.20 22.20 31.95
C ARG B 24 -3.77 22.11 30.53
N ALA B 25 -5.03 22.51 30.38
CA ALA B 25 -5.68 22.47 29.08
C ALA B 25 -5.16 23.60 28.19
N SER B 26 -5.11 23.32 26.88
CA SER B 26 -4.60 24.27 25.89
C SER B 26 -5.62 25.35 25.53
N GLN B 27 -6.90 25.00 25.50
CA GLN B 27 -7.99 25.97 25.47
C GLN B 27 -9.04 25.50 26.45
N SER B 28 -9.89 26.42 26.93
CA SER B 28 -10.86 26.13 27.97
C SER B 28 -11.71 24.90 27.62
N VAL B 29 -11.65 23.89 28.48
CA VAL B 29 -12.42 22.66 28.31
C VAL B 29 -13.62 22.64 29.27
N SER B 30 -14.01 23.80 29.79
CA SER B 30 -14.96 23.92 30.91
C SER B 30 -14.38 23.07 32.04
N SER B 31 -15.16 22.18 32.66
CA SER B 31 -14.67 21.27 33.68
C SER B 31 -14.74 19.82 33.20
N ALA B 32 -14.83 19.62 31.89
CA ALA B 32 -15.05 18.29 31.33
C ALA B 32 -13.73 17.54 31.33
N VAL B 33 -13.34 17.05 32.51
CA VAL B 33 -12.04 16.40 32.66
C VAL B 33 -12.16 15.21 33.60
N ALA B 34 -11.33 14.19 33.37
CA ALA B 34 -11.32 12.97 34.16
C ALA B 34 -9.88 12.53 34.40
N TRP B 35 -9.71 11.66 35.42
CA TRP B 35 -8.42 11.12 35.83
C TRP B 35 -8.50 9.61 35.91
N TYR B 36 -7.47 8.94 35.39
CA TYR B 36 -7.40 7.48 35.41
C TYR B 36 -6.06 7.04 35.98
N GLN B 37 -6.06 5.85 36.54
CA GLN B 37 -4.85 5.18 36.98
C GLN B 37 -4.71 3.88 36.18
N GLN B 38 -3.47 3.51 35.84
CA GLN B 38 -3.23 2.28 35.09
C GLN B 38 -2.07 1.52 35.70
N LYS B 39 -2.28 0.25 35.96
CA LYS B 39 -1.12 -0.50 36.37
C LYS B 39 -0.74 -1.51 35.28
N PRO B 40 0.54 -1.82 35.16
CA PRO B 40 1.04 -2.50 33.95
C PRO B 40 0.16 -3.68 33.53
N GLY B 41 -0.13 -3.75 32.24
CA GLY B 41 -0.94 -4.80 31.66
C GLY B 41 -2.37 -4.86 32.16
N LYS B 42 -2.93 -3.76 32.65
CA LYS B 42 -4.34 -3.71 33.01
C LYS B 42 -4.98 -2.46 32.42
N ALA B 43 -6.28 -2.52 32.21
CA ALA B 43 -7.01 -1.38 31.67
C ALA B 43 -7.02 -0.21 32.67
N PRO B 44 -7.16 1.02 32.18
CA PRO B 44 -7.30 2.16 33.10
C PRO B 44 -8.57 2.07 33.95
N LYS B 45 -8.48 2.62 35.16
CA LYS B 45 -9.61 2.74 36.08
C LYS B 45 -10.00 4.21 36.23
N LEU B 46 -11.29 4.51 36.06
CA LEU B 46 -11.78 5.88 36.24
C LEU B 46 -11.64 6.30 37.70
N LEU B 47 -10.96 7.42 37.95
CA LEU B 47 -10.68 7.88 39.31
C LEU B 47 -11.53 9.10 39.69
N ILE B 48 -11.42 10.17 38.91
CA ILE B 48 -12.18 11.39 39.10
C ILE B 48 -12.89 11.68 37.78
N TYR B 49 -14.14 12.14 37.86
CA TYR B 49 -14.82 12.71 36.72
C TYR B 49 -15.21 14.16 37.04
N SER B 50 -15.48 14.94 35.99
CA SER B 50 -15.84 16.35 36.12
C SER B 50 -14.83 17.10 37.00
N ALA B 51 -13.56 16.93 36.67
CA ALA B 51 -12.48 17.66 37.34
C ALA B 51 -12.36 17.30 38.82
N SER B 52 -13.48 17.32 39.56
CA SER B 52 -13.42 17.27 41.02
C SER B 52 -14.24 16.20 41.70
N SER B 53 -15.16 15.52 41.02
CA SER B 53 -16.10 14.60 41.67
C SER B 53 -15.52 13.19 41.70
N LEU B 54 -15.59 12.54 42.87
CA LEU B 54 -15.05 11.20 43.05
C LEU B 54 -15.95 10.16 42.40
N TYR B 55 -15.37 9.32 41.56
CA TYR B 55 -16.08 8.15 41.07
C TYR B 55 -16.35 7.20 42.21
N SER B 56 -17.57 6.66 42.25
CA SER B 56 -18.00 5.86 43.38
C SER B 56 -17.20 4.57 43.47
N GLY B 57 -16.61 4.33 44.64
CA GLY B 57 -15.74 3.19 44.88
C GLY B 57 -14.27 3.53 45.03
N VAL B 58 -13.82 4.66 44.47
CA VAL B 58 -12.41 5.03 44.55
C VAL B 58 -12.10 5.53 45.96
N PRO B 59 -10.89 5.31 46.45
CA PRO B 59 -10.53 5.81 47.79
C PRO B 59 -10.67 7.33 47.93
N SER B 60 -10.78 7.76 49.18
CA SER B 60 -11.08 9.15 49.49
C SER B 60 -9.84 10.04 49.55
N ARG B 61 -8.64 9.45 49.71
CA ARG B 61 -7.43 10.24 49.58
C ARG B 61 -7.30 10.83 48.18
N PHE B 62 -8.05 10.30 47.22
CA PHE B 62 -8.07 10.86 45.88
C PHE B 62 -9.04 12.03 45.81
N SER B 63 -8.70 13.00 44.95
CA SER B 63 -9.47 14.22 44.76
C SER B 63 -8.83 15.03 43.63
N GLY B 64 -9.65 15.86 42.99
CA GLY B 64 -9.17 16.68 41.89
C GLY B 64 -9.69 18.10 42.03
N SER B 65 -9.14 19.00 41.22
CA SER B 65 -9.56 20.39 41.32
C SER B 65 -9.21 21.14 40.05
N ARG B 66 -9.99 22.18 39.76
CA ARG B 66 -9.81 23.00 38.58
C ARG B 66 -9.70 24.47 38.97
N SER B 67 -8.71 25.15 38.39
CA SER B 67 -8.54 26.61 38.48
C SER B 67 -8.23 27.13 37.09
N GLY B 68 -9.25 27.64 36.40
CA GLY B 68 -9.07 28.10 35.03
C GLY B 68 -8.88 26.92 34.11
N THR B 69 -7.71 26.81 33.49
CA THR B 69 -7.35 25.64 32.71
C THR B 69 -6.39 24.72 33.44
N ASP B 70 -6.20 24.91 34.74
CA ASP B 70 -5.34 24.05 35.55
C ASP B 70 -6.19 22.97 36.21
N PHE B 71 -5.95 21.72 35.87
CA PHE B 71 -6.58 20.61 36.56
C PHE B 71 -5.53 19.81 37.33
N THR B 72 -5.87 19.46 38.57
CA THR B 72 -4.93 18.87 39.49
C THR B 72 -5.53 17.60 40.07
N LEU B 73 -4.68 16.61 40.26
CA LEU B 73 -4.98 15.40 40.99
C LEU B 73 -4.11 15.36 42.23
N THR B 74 -4.67 14.94 43.35
CA THR B 74 -3.88 14.87 44.57
C THR B 74 -4.21 13.59 45.31
N ILE B 75 -3.18 12.94 45.84
CA ILE B 75 -3.33 11.91 46.86
C ILE B 75 -2.80 12.51 48.16
N SER B 76 -3.66 12.59 49.18
CA SER B 76 -3.25 13.25 50.41
C SER B 76 -2.22 12.42 51.16
N SER B 77 -2.40 11.09 51.18
CA SER B 77 -1.46 10.19 51.82
C SER B 77 -1.30 8.97 50.92
N LEU B 78 -0.22 8.96 50.17
CA LEU B 78 0.01 7.93 49.16
C LEU B 78 0.10 6.55 49.80
N GLN B 79 -0.70 5.63 49.29
CA GLN B 79 -0.61 4.23 49.72
C GLN B 79 0.12 3.38 48.68
N PRO B 80 0.69 2.24 49.12
CA PRO B 80 1.42 1.36 48.19
C PRO B 80 0.62 0.98 46.95
N GLU B 81 -0.67 0.71 47.09
CA GLU B 81 -1.51 0.36 45.94
C GLU B 81 -1.53 1.48 44.90
N ASP B 82 -1.30 2.73 45.32
CA ASP B 82 -1.44 3.86 44.41
C ASP B 82 -0.19 4.17 43.62
N PHE B 83 0.84 3.33 43.69
CA PHE B 83 1.99 3.50 42.82
C PHE B 83 1.64 2.97 41.45
N ALA B 84 1.67 3.85 40.47
CA ALA B 84 1.16 3.55 39.14
C ALA B 84 1.50 4.72 38.23
N THR B 85 0.90 4.74 37.05
CA THR B 85 0.92 5.84 36.11
C THR B 85 -0.47 6.45 36.01
N TYR B 86 -0.56 7.77 35.95
CA TYR B 86 -1.83 8.48 35.95
C TYR B 86 -1.97 9.34 34.71
N TYR B 87 -3.22 9.49 34.27
CA TYR B 87 -3.57 10.14 33.01
C TYR B 87 -4.77 11.05 33.23
N CYS B 88 -4.68 12.28 32.74
CA CYS B 88 -5.87 13.11 32.68
C CYS B 88 -6.55 12.95 31.32
N GLN B 89 -7.81 13.38 31.25
CA GLN B 89 -8.57 13.35 30.00
C GLN B 89 -9.53 14.54 29.97
N GLN B 90 -9.71 15.15 28.79
CA GLN B 90 -10.76 16.13 28.56
C GLN B 90 -11.76 15.56 27.57
N SER B 91 -13.05 15.88 27.74
CA SER B 91 -14.11 15.36 26.88
C SER B 91 -14.99 16.47 26.30
N SER B 92 -14.43 17.63 25.98
CA SER B 92 -15.27 18.71 25.48
C SER B 92 -15.60 18.50 24.00
N TYR B 93 -16.83 18.87 23.63
CA TYR B 93 -17.33 18.72 22.26
C TYR B 93 -17.22 17.26 21.82
N SER B 94 -16.24 16.94 20.97
CA SER B 94 -16.20 15.58 20.44
C SER B 94 -14.83 14.94 20.36
N LEU B 95 -13.73 15.68 20.23
CA LEU B 95 -12.43 15.06 20.06
C LEU B 95 -11.77 14.93 21.43
N ILE B 96 -11.48 13.69 21.83
CA ILE B 96 -10.94 13.39 23.15
C ILE B 96 -9.42 13.41 23.10
N THR B 97 -8.79 14.01 24.10
CA THR B 97 -7.33 14.00 24.21
C THR B 97 -6.94 13.69 25.66
N PHE B 98 -5.81 13.00 25.81
CA PHE B 98 -5.28 12.58 27.10
C PHE B 98 -3.99 13.32 27.42
N GLY B 99 -3.58 13.24 28.68
CA GLY B 99 -2.25 13.67 29.05
C GLY B 99 -1.17 12.64 28.71
N GLN B 100 0.07 13.11 28.67
CA GLN B 100 1.18 12.24 28.28
C GLN B 100 1.45 11.19 29.34
N GLY B 101 1.19 11.52 30.60
CA GLY B 101 1.40 10.56 31.66
C GLY B 101 2.23 11.09 32.81
N THR B 102 1.93 10.59 34.01
CA THR B 102 2.70 10.88 35.22
C THR B 102 3.01 9.56 35.91
N LYS B 103 4.24 9.10 35.76
CA LYS B 103 4.68 7.90 36.44
C LYS B 103 5.02 8.27 37.89
N VAL B 104 4.36 7.62 38.85
CA VAL B 104 4.60 7.84 40.27
C VAL B 104 5.42 6.68 40.80
N GLU B 105 6.71 6.91 41.06
CA GLU B 105 7.63 5.88 41.46
C GLU B 105 8.05 6.03 42.91
N ILE B 106 8.68 4.99 43.44
CA ILE B 106 9.00 4.87 44.85
C ILE B 106 10.37 5.50 45.10
N LYS B 107 10.45 6.39 46.09
CA LYS B 107 11.75 6.89 46.51
C LYS B 107 12.53 5.81 47.26
N ARG B 108 13.83 5.76 47.04
CA ARG B 108 14.71 4.91 47.83
C ARG B 108 16.08 5.56 47.85
N THR B 109 17.01 4.98 48.61
CA THR B 109 18.35 5.53 48.70
C THR B 109 19.11 5.27 47.40
N VAL B 110 20.08 6.13 47.14
CA VAL B 110 20.93 6.03 45.94
C VAL B 110 21.59 4.65 45.91
N ALA B 111 21.94 4.16 44.72
CA ALA B 111 22.65 2.89 44.62
C ALA B 111 23.45 2.84 43.33
N ALA B 112 24.69 2.41 43.44
CA ALA B 112 25.48 2.26 42.24
C ALA B 112 25.18 0.93 41.56
N PRO B 113 25.28 0.88 40.24
CA PRO B 113 25.07 -0.40 39.55
C PRO B 113 26.25 -1.34 39.64
N SER B 114 25.95 -2.63 39.71
CA SER B 114 26.91 -3.65 39.34
C SER B 114 27.03 -3.69 37.80
N VAL B 115 28.26 -3.62 37.30
CA VAL B 115 28.51 -3.48 35.87
C VAL B 115 29.13 -4.78 35.38
N PHE B 116 28.45 -5.46 34.47
CA PHE B 116 28.96 -6.70 33.88
C PHE B 116 29.02 -6.55 32.37
N ILE B 117 30.03 -7.15 31.75
CA ILE B 117 30.22 -7.03 30.31
C ILE B 117 30.20 -8.42 29.69
N PHE B 118 29.59 -8.54 28.51
CA PHE B 118 29.48 -9.84 27.86
C PHE B 118 30.04 -9.81 26.44
N PRO B 119 31.16 -10.45 26.16
CA PRO B 119 31.63 -10.56 24.77
C PRO B 119 30.61 -11.30 23.93
N PRO B 120 30.68 -11.16 22.62
CA PRO B 120 29.82 -11.97 21.76
C PRO B 120 30.16 -13.45 21.90
N SER B 121 29.15 -14.28 21.70
CA SER B 121 29.35 -15.72 21.64
C SER B 121 29.87 -16.14 20.27
N ASP B 122 30.67 -17.21 20.27
CA ASP B 122 31.15 -17.75 19.00
C ASP B 122 30.02 -18.24 18.11
N GLU B 123 28.90 -18.70 18.68
CA GLU B 123 27.77 -19.06 17.84
C GLU B 123 27.29 -17.88 17.00
N GLN B 124 27.27 -16.67 17.59
CA GLN B 124 26.69 -15.53 16.90
C GLN B 124 27.51 -15.15 15.66
N LEU B 125 28.83 -15.26 15.74
CA LEU B 125 29.68 -14.82 14.64
C LEU B 125 29.39 -15.53 13.32
N LYS B 126 28.80 -16.74 13.36
CA LYS B 126 28.39 -17.40 12.12
C LYS B 126 27.47 -16.53 11.28
N SER B 127 26.63 -15.70 11.93
CA SER B 127 25.68 -14.83 11.25
C SER B 127 26.30 -13.55 10.70
N GLY B 128 27.58 -13.27 10.97
CA GLY B 128 28.20 -12.07 10.47
C GLY B 128 27.97 -10.80 11.27
N THR B 129 27.32 -10.89 12.43
CA THR B 129 27.12 -9.74 13.30
C THR B 129 27.61 -10.08 14.71
N ALA B 130 28.17 -9.08 15.40
CA ALA B 130 28.70 -9.28 16.75
C ALA B 130 28.02 -8.30 17.68
N SER B 131 27.49 -8.83 18.78
CA SER B 131 26.76 -8.08 19.80
C SER B 131 27.58 -8.11 21.07
N VAL B 132 27.86 -6.93 21.62
CA VAL B 132 28.47 -6.79 22.94
C VAL B 132 27.43 -6.19 23.86
N VAL B 133 27.22 -6.84 25.00
CA VAL B 133 26.20 -6.43 25.94
C VAL B 133 26.86 -5.98 27.22
N CYS B 134 26.42 -4.80 27.69
CA CYS B 134 26.80 -4.25 28.98
C CYS B 134 25.57 -4.19 29.87
N LEU B 135 25.71 -4.70 31.09
CA LEU B 135 24.61 -4.79 32.04
C LEU B 135 24.87 -3.87 33.23
N LEU B 136 23.94 -2.94 33.48
CA LEU B 136 23.93 -2.13 34.69
C LEU B 136 22.82 -2.67 35.57
N ASN B 137 23.17 -3.22 36.73
CA ASN B 137 22.24 -3.96 37.57
C ASN B 137 21.88 -3.20 38.82
N ASN B 138 20.57 -3.05 39.05
CA ASN B 138 19.99 -2.59 40.30
C ASN B 138 20.65 -1.33 40.84
N PHE B 139 20.30 -0.20 40.27
CA PHE B 139 20.84 1.09 40.65
C PHE B 139 19.68 2.05 40.88
N TYR B 140 19.97 3.17 41.52
CA TYR B 140 18.96 4.19 41.75
C TYR B 140 19.66 5.53 41.83
N PRO B 141 19.11 6.57 41.17
CA PRO B 141 17.90 6.56 40.36
C PRO B 141 18.21 6.23 38.91
N ARG B 142 17.23 6.43 38.01
CA ARG B 142 17.29 5.90 36.65
C ARG B 142 18.45 6.44 35.83
N GLU B 143 18.78 7.70 36.02
CA GLU B 143 19.73 8.37 35.12
C GLU B 143 21.10 7.67 35.07
N ALA B 144 21.52 7.30 33.87
CA ALA B 144 22.80 6.66 33.63
C ALA B 144 23.23 6.88 32.19
N LYS B 145 24.52 7.17 32.02
CA LYS B 145 25.16 7.30 30.72
C LYS B 145 26.04 6.07 30.48
N VAL B 146 25.87 5.43 29.34
CA VAL B 146 26.69 4.30 28.95
C VAL B 146 27.44 4.70 27.70
N SER B 147 28.76 4.59 27.74
CA SER B 147 29.60 4.88 26.58
C SER B 147 30.30 3.61 26.16
N TRP B 148 30.45 3.42 24.84
CA TRP B 148 31.10 2.26 24.27
C TRP B 148 32.40 2.68 23.58
N TYR B 149 33.47 1.92 23.83
CA TYR B 149 34.79 2.18 23.26
C TYR B 149 35.34 0.91 22.62
N VAL B 150 35.61 0.98 21.33
CA VAL B 150 36.31 -0.06 20.59
C VAL B 150 37.69 0.49 20.22
N ASP B 151 38.73 -0.18 20.67
CA ASP B 151 40.12 0.27 20.47
C ASP B 151 40.23 1.77 20.75
N ASN B 152 39.69 2.19 21.90
CA ASN B 152 39.70 3.56 22.40
C ASN B 152 38.86 4.52 21.59
N ALA B 153 38.14 4.06 20.56
CA ALA B 153 37.33 4.92 19.70
C ALA B 153 35.88 4.88 20.17
N LEU B 154 35.38 6.03 20.64
CA LEU B 154 34.03 6.10 21.20
C LEU B 154 32.99 5.91 20.11
N GLN B 155 32.05 4.99 20.35
CA GLN B 155 31.05 4.61 19.36
C GLN B 155 29.84 5.52 19.45
N SER B 156 29.16 5.66 18.31
CA SER B 156 27.88 6.35 18.28
C SER B 156 27.07 5.76 17.14
N GLY B 157 25.77 5.59 17.39
CA GLY B 157 24.86 5.04 16.41
C GLY B 157 24.75 3.53 16.40
N ASN B 158 25.67 2.81 17.03
CA ASN B 158 25.63 1.35 16.96
C ASN B 158 25.37 0.73 18.33
N SER B 159 24.68 1.45 19.21
CA SER B 159 24.26 0.91 20.49
C SER B 159 22.79 1.22 20.72
N GLN B 160 22.13 0.39 21.52
CA GLN B 160 20.77 0.66 21.96
C GLN B 160 20.63 0.27 23.41
N GLU B 161 19.72 0.94 24.11
CA GLU B 161 19.55 0.72 25.53
C GLU B 161 18.10 0.37 25.82
N SER B 162 17.89 -0.40 26.88
CA SER B 162 16.59 -0.79 27.39
C SER B 162 16.67 -0.77 28.91
N VAL B 163 15.61 -0.27 29.56
CA VAL B 163 15.55 -0.12 31.01
C VAL B 163 14.35 -0.87 31.56
N THR B 164 14.53 -1.56 32.68
CA THR B 164 13.39 -2.17 33.33
C THR B 164 12.60 -1.12 34.08
N GLU B 165 11.34 -1.45 34.38
CA GLU B 165 10.59 -0.66 35.32
C GLU B 165 11.17 -0.90 36.71
N GLN B 166 10.67 -0.14 37.67
CA GLN B 166 11.16 -0.29 39.04
C GLN B 166 10.90 -1.70 39.56
N ASP B 167 11.91 -2.27 40.22
CA ASP B 167 11.82 -3.64 40.72
C ASP B 167 10.78 -3.73 41.83
N SER B 168 10.06 -4.85 41.85
CA SER B 168 8.95 -5.03 42.78
C SER B 168 9.42 -5.20 44.23
N LYS B 169 10.72 -5.34 44.49
CA LYS B 169 11.21 -5.52 45.85
C LYS B 169 12.13 -4.40 46.28
N ASP B 170 13.27 -4.20 45.62
CA ASP B 170 14.22 -3.19 46.07
C ASP B 170 14.06 -1.85 45.35
N SER B 171 13.09 -1.73 44.44
CA SER B 171 12.74 -0.44 43.82
C SER B 171 13.92 0.19 43.08
N THR B 172 14.80 -0.65 42.56
CA THR B 172 15.88 -0.21 41.70
C THR B 172 15.49 -0.40 40.25
N TYR B 173 16.30 0.20 39.38
CA TYR B 173 16.22 0.00 37.96
C TYR B 173 17.45 -0.80 37.53
N SER B 174 17.30 -1.47 36.39
CA SER B 174 18.40 -2.18 35.74
C SER B 174 18.35 -1.85 34.27
N LEU B 175 19.52 -1.66 33.68
CA LEU B 175 19.60 -1.20 32.31
C LEU B 175 20.55 -2.12 31.55
N SER B 176 20.27 -2.31 30.27
CA SER B 176 21.25 -2.97 29.42
C SER B 176 21.55 -2.07 28.23
N SER B 177 22.78 -2.19 27.74
CA SER B 177 23.23 -1.56 26.51
C SER B 177 23.85 -2.64 25.63
N THR B 178 23.53 -2.59 24.33
CA THR B 178 24.03 -3.53 23.34
C THR B 178 24.66 -2.78 22.17
N LEU B 179 25.93 -3.07 21.92
CA LEU B 179 26.70 -2.47 20.83
C LEU B 179 26.71 -3.46 19.68
N THR B 180 26.28 -3.05 18.50
CA THR B 180 26.20 -3.97 17.36
C THR B 180 27.27 -3.63 16.32
N LEU B 181 28.16 -4.58 16.06
CA LEU B 181 29.21 -4.43 15.06
C LEU B 181 29.12 -5.54 13.99
N SER B 182 29.72 -5.27 12.84
CA SER B 182 29.89 -6.32 11.85
C SER B 182 30.91 -7.32 12.37
N LYS B 183 30.78 -8.57 11.92
CA LYS B 183 31.77 -9.58 12.28
C LYS B 183 33.17 -9.08 11.94
N ALA B 184 33.34 -8.62 10.70
CA ALA B 184 34.63 -8.15 10.24
C ALA B 184 35.12 -6.99 11.09
N ASP B 185 34.24 -6.03 11.39
CA ASP B 185 34.65 -4.90 12.23
C ASP B 185 35.07 -5.36 13.61
N TYR B 186 34.41 -6.39 14.12
CA TYR B 186 34.74 -6.89 15.45
C TYR B 186 36.08 -7.61 15.45
N GLU B 187 36.34 -8.43 14.44
CA GLU B 187 37.55 -9.24 14.43
C GLU B 187 38.82 -8.44 14.10
N LYS B 188 38.71 -7.19 13.62
CA LYS B 188 39.90 -6.39 13.37
C LYS B 188 40.38 -5.61 14.61
N HIS B 189 39.51 -5.39 15.60
CA HIS B 189 39.85 -4.64 16.81
C HIS B 189 39.94 -5.58 18.01
N LYS B 190 40.47 -5.07 19.12
CA LYS B 190 40.86 -5.92 20.22
C LYS B 190 40.22 -5.54 21.55
N VAL B 191 40.28 -4.26 21.96
CA VAL B 191 39.87 -3.89 23.31
C VAL B 191 38.48 -3.28 23.28
N TYR B 192 37.56 -3.88 24.04
CA TYR B 192 36.15 -3.53 24.08
C TYR B 192 35.80 -3.14 25.51
N ALA B 193 35.21 -1.96 25.68
CA ALA B 193 35.03 -1.39 27.01
C ALA B 193 33.65 -0.77 27.14
N CYS B 194 33.06 -0.93 28.32
CA CYS B 194 31.78 -0.34 28.65
C CYS B 194 32.05 0.63 29.80
N GLU B 195 31.99 1.94 29.53
CA GLU B 195 32.13 2.93 30.59
C GLU B 195 30.73 3.34 31.06
N VAL B 196 30.53 3.29 32.38
CA VAL B 196 29.27 3.66 33.02
C VAL B 196 29.52 4.82 33.96
N THR B 197 28.78 5.91 33.78
CA THR B 197 28.68 6.99 34.75
C THR B 197 27.24 7.01 35.27
N GLN B 198 27.09 6.96 36.60
CA GLN B 198 25.82 7.09 37.30
C GLN B 198 26.12 7.68 38.67
N GLY B 199 25.35 8.69 39.08
CA GLY B 199 25.61 9.38 40.31
C GLY B 199 27.02 9.93 40.31
N THR B 200 27.68 9.86 41.47
CA THR B 200 29.10 10.19 41.60
C THR B 200 29.99 8.96 41.39
N THR B 201 29.68 8.12 40.40
CA THR B 201 30.39 6.87 40.17
C THR B 201 30.60 6.63 38.68
N SER B 202 31.84 6.33 38.31
CA SER B 202 32.15 5.89 36.96
C SER B 202 32.84 4.53 37.04
N VAL B 203 32.38 3.61 36.21
CA VAL B 203 32.86 2.23 36.17
C VAL B 203 33.18 1.88 34.73
N THR B 204 34.36 1.32 34.51
CA THR B 204 34.73 0.82 33.19
C THR B 204 35.01 -0.67 33.29
N LYS B 205 34.32 -1.44 32.45
CA LYS B 205 34.54 -2.88 32.32
C LYS B 205 35.03 -3.15 30.90
N SER B 206 36.04 -4.01 30.77
CA SER B 206 36.64 -4.19 29.46
C SER B 206 37.04 -5.64 29.25
N PHE B 207 37.26 -6.00 27.99
CA PHE B 207 37.84 -7.28 27.62
C PHE B 207 38.60 -7.09 26.33
N ASN B 208 39.53 -8.00 26.05
CA ASN B 208 40.27 -8.02 24.79
C ASN B 208 39.80 -9.19 23.94
N ARG B 209 39.58 -8.97 22.65
CA ARG B 209 38.96 -10.00 21.83
C ARG B 209 39.82 -11.26 21.80
N GLY B 210 39.20 -12.39 22.16
CA GLY B 210 39.90 -13.65 22.19
C GLY B 210 40.66 -13.85 23.48
N GLU B 211 40.06 -13.47 24.61
CA GLU B 211 40.65 -13.46 25.95
C GLU B 211 40.10 -14.63 26.76
N CYS B 212 40.41 -14.61 28.07
CA CYS B 212 40.05 -15.68 29.00
C CYS B 212 40.98 -16.86 28.75
N GLU C 1 -0.60 20.19 -1.52
CA GLU C 1 -1.48 19.35 -2.30
C GLU C 1 -0.84 18.00 -2.58
N VAL C 2 -1.59 16.93 -2.38
CA VAL C 2 -1.10 15.59 -2.71
C VAL C 2 -0.93 15.51 -4.22
N GLN C 3 0.30 15.37 -4.69
CA GLN C 3 0.61 15.41 -6.11
C GLN C 3 1.36 14.14 -6.48
N LEU C 4 0.93 13.50 -7.55
CA LEU C 4 1.56 12.27 -8.05
C LEU C 4 1.95 12.54 -9.50
N VAL C 5 3.17 13.03 -9.70
CA VAL C 5 3.64 13.47 -11.00
C VAL C 5 4.71 12.52 -11.50
N GLU C 6 4.49 11.95 -12.68
CA GLU C 6 5.41 10.98 -13.24
C GLU C 6 6.27 11.62 -14.33
N SER C 7 7.47 11.07 -14.51
CA SER C 7 8.34 11.46 -15.59
C SER C 7 9.38 10.37 -15.79
N GLY C 8 10.17 10.51 -16.85
CA GLY C 8 11.19 9.55 -17.20
C GLY C 8 10.82 8.64 -18.36
N GLY C 9 9.54 8.57 -18.72
CA GLY C 9 9.14 7.71 -19.81
C GLY C 9 9.63 8.24 -21.14
N GLY C 10 9.72 7.34 -22.11
CA GLY C 10 10.21 7.71 -23.42
C GLY C 10 10.58 6.49 -24.24
N LEU C 11 11.27 6.76 -25.35
CA LEU C 11 11.68 5.73 -26.27
C LEU C 11 12.89 4.96 -25.74
N VAL C 12 12.89 3.63 -25.94
CA VAL C 12 13.94 2.75 -25.43
C VAL C 12 14.19 1.58 -26.37
N GLN C 13 15.46 1.15 -26.43
CA GLN C 13 15.97 0.03 -27.20
C GLN C 13 15.80 -1.26 -26.42
N PRO C 14 15.70 -2.40 -27.09
CA PRO C 14 15.43 -3.66 -26.39
C PRO C 14 16.62 -4.14 -25.58
N GLY C 15 16.34 -4.68 -24.40
CA GLY C 15 17.37 -5.01 -23.43
C GLY C 15 18.18 -3.80 -23.04
N GLY C 16 17.48 -2.72 -22.73
CA GLY C 16 18.06 -1.43 -22.38
C GLY C 16 17.50 -0.97 -21.05
N SER C 17 17.52 0.36 -20.85
CA SER C 17 17.26 0.89 -19.52
C SER C 17 16.63 2.27 -19.55
N LEU C 18 15.59 2.42 -18.72
CA LEU C 18 14.83 3.64 -18.49
C LEU C 18 14.36 3.65 -17.04
N ARG C 19 14.32 4.83 -16.45
CA ARG C 19 13.94 5.01 -15.06
C ARG C 19 12.73 5.94 -15.00
N LEU C 20 11.63 5.43 -14.50
CA LEU C 20 10.46 6.25 -14.29
C LEU C 20 10.53 6.83 -12.89
N SER C 21 10.00 8.04 -12.76
CA SER C 21 9.93 8.73 -11.48
C SER C 21 8.47 8.96 -11.14
N CYS C 22 8.13 8.78 -9.87
CA CYS C 22 6.79 9.04 -9.36
C CYS C 22 6.93 10.04 -8.21
N ALA C 23 7.03 11.30 -8.58
CA ALA C 23 7.16 12.38 -7.60
C ALA C 23 5.89 12.48 -6.77
N ALA C 24 6.03 12.26 -5.45
CA ALA C 24 4.94 12.37 -4.50
C ALA C 24 5.13 13.65 -3.72
N SER C 25 4.14 14.53 -3.77
CA SER C 25 4.14 15.74 -2.98
C SER C 25 2.90 15.77 -2.10
N GLY C 26 2.93 16.64 -1.10
CA GLY C 26 1.80 16.83 -0.21
C GLY C 26 1.88 15.86 0.97
N PHE C 27 1.94 14.57 0.66
CA PHE C 27 2.03 13.53 1.66
C PHE C 27 3.44 12.94 1.66
N ASN C 28 3.71 12.09 2.65
CA ASN C 28 5.03 11.51 2.85
C ASN C 28 5.06 10.14 2.17
N LEU C 29 5.83 10.03 1.08
CA LEU C 29 5.89 8.78 0.31
C LEU C 29 6.26 7.60 1.20
N ARG C 30 7.27 7.78 2.08
CA ARG C 30 7.73 6.73 3.00
C ARG C 30 6.71 6.42 4.10
N SER C 31 5.47 6.91 3.95
CA SER C 31 4.41 6.66 4.91
C SER C 31 3.27 5.81 4.33
N TYR C 32 3.32 5.50 3.03
CA TYR C 32 2.32 4.66 2.36
C TYR C 32 2.99 3.63 1.45
N TYR C 33 2.30 2.50 1.28
CA TYR C 33 2.68 1.56 0.23
C TYR C 33 2.51 2.27 -1.13
N MET C 34 3.42 1.98 -2.07
CA MET C 34 3.43 2.62 -3.39
C MET C 34 3.49 1.55 -4.47
N HIS C 35 2.70 1.70 -5.53
CA HIS C 35 2.60 0.69 -6.59
C HIS C 35 2.81 1.28 -7.99
N TRP C 36 3.40 0.46 -8.87
CA TRP C 36 3.45 0.76 -10.30
C TRP C 36 2.50 -0.20 -11.02
N VAL C 37 1.59 0.35 -11.81
CA VAL C 37 0.66 -0.43 -12.63
C VAL C 37 0.78 0.05 -14.07
N ARG C 38 0.73 -0.88 -15.02
CA ARG C 38 0.98 -0.53 -16.42
C ARG C 38 -0.17 -0.99 -17.30
N GLN C 39 -0.19 -0.50 -18.54
CA GLN C 39 -1.32 -0.77 -19.44
C GLN C 39 -0.82 -0.69 -20.88
N ALA C 40 -0.61 -1.85 -21.47
CA ALA C 40 -0.20 -1.90 -22.85
C ALA C 40 -1.33 -1.41 -23.75
N PRO C 41 -1.03 -0.71 -24.84
CA PRO C 41 -2.09 0.00 -25.57
C PRO C 41 -3.24 -0.94 -25.90
N GLY C 42 -4.47 -0.52 -25.55
CA GLY C 42 -5.65 -1.31 -25.83
C GLY C 42 -5.83 -2.56 -25.01
N LYS C 43 -5.09 -2.71 -23.91
CA LYS C 43 -5.22 -3.86 -23.03
C LYS C 43 -5.55 -3.43 -21.60
N GLY C 44 -5.66 -4.43 -20.72
CA GLY C 44 -6.13 -4.21 -19.36
C GLY C 44 -5.05 -3.68 -18.43
N LEU C 45 -5.38 -3.70 -17.13
CA LEU C 45 -4.49 -3.18 -16.09
C LEU C 45 -3.61 -4.30 -15.55
N GLU C 46 -2.31 -4.04 -15.46
CA GLU C 46 -1.35 -5.02 -14.97
C GLU C 46 -0.53 -4.38 -13.86
N TRP C 47 -0.56 -4.98 -12.67
CA TRP C 47 0.32 -4.56 -11.58
C TRP C 47 1.76 -5.00 -11.87
N VAL C 48 2.71 -4.11 -11.59
CA VAL C 48 4.12 -4.33 -11.92
C VAL C 48 4.97 -4.49 -10.65
N ALA C 49 4.83 -3.57 -9.68
CA ALA C 49 5.68 -3.61 -8.49
C ALA C 49 5.12 -2.73 -7.36
N SER C 50 5.61 -3.00 -6.15
CA SER C 50 5.19 -2.31 -4.94
C SER C 50 6.40 -2.09 -4.03
N ILE C 51 6.33 -1.04 -3.20
CA ILE C 51 7.37 -0.72 -2.24
C ILE C 51 6.72 -0.40 -0.90
N SER C 52 7.15 -1.11 0.14
CA SER C 52 6.58 -0.96 1.47
C SER C 52 7.22 0.21 2.19
N PRO C 53 6.51 0.86 3.11
CA PRO C 53 7.13 1.93 3.90
C PRO C 53 7.96 1.28 4.99
N TYR C 54 8.60 2.14 5.78
CA TYR C 54 9.31 1.71 6.99
C TYR C 54 10.57 0.91 6.71
N TYR C 55 10.43 -0.27 6.08
CA TYR C 55 11.57 -1.13 5.81
C TYR C 55 11.72 -1.46 4.33
N SER C 56 11.02 -0.75 3.47
CA SER C 56 11.20 -0.82 2.02
C SER C 56 11.25 -2.28 1.51
N TYR C 57 10.34 -3.10 2.03
CA TYR C 57 10.13 -4.44 1.48
C TYR C 57 9.54 -4.29 0.08
N THR C 58 10.27 -4.71 -0.95
CA THR C 58 9.80 -4.57 -2.32
C THR C 58 9.28 -5.92 -2.81
N TYR C 59 8.27 -5.86 -3.68
CA TYR C 59 7.73 -7.09 -4.25
C TYR C 59 7.22 -6.78 -5.65
N TYR C 60 7.49 -7.70 -6.59
CA TYR C 60 7.26 -7.50 -8.01
C TYR C 60 6.43 -8.65 -8.56
N ALA C 61 5.83 -8.40 -9.72
CA ALA C 61 5.09 -9.42 -10.45
C ALA C 61 6.06 -10.35 -11.16
N ASP C 62 5.69 -11.63 -11.23
CA ASP C 62 6.51 -12.69 -11.81
C ASP C 62 7.15 -12.25 -13.12
N SER C 63 6.37 -11.58 -13.96
CA SER C 63 6.83 -11.21 -15.30
C SER C 63 7.96 -10.20 -15.24
N VAL C 64 8.05 -9.38 -14.19
CA VAL C 64 9.07 -8.35 -14.12
C VAL C 64 10.17 -8.65 -13.12
N LYS C 65 10.07 -9.73 -12.34
CA LYS C 65 11.07 -10.02 -11.30
C LYS C 65 12.47 -10.04 -11.90
N GLY C 66 13.43 -9.52 -11.14
CA GLY C 66 14.81 -9.56 -11.57
C GLY C 66 15.16 -8.70 -12.76
N ARG C 67 14.17 -8.18 -13.47
CA ARG C 67 14.40 -7.23 -14.57
C ARG C 67 14.14 -5.78 -14.16
N PHE C 68 13.04 -5.53 -13.46
CA PHE C 68 12.72 -4.18 -13.01
C PHE C 68 13.17 -4.01 -11.58
N THR C 69 13.52 -2.78 -11.22
CA THR C 69 13.92 -2.50 -9.84
C THR C 69 13.19 -1.26 -9.35
N ILE C 70 12.42 -1.40 -8.28
CA ILE C 70 11.71 -0.29 -7.68
C ILE C 70 12.52 0.23 -6.50
N SER C 71 12.54 1.56 -6.35
CA SER C 71 13.33 2.20 -5.31
C SER C 71 12.57 3.44 -4.86
N ALA C 72 12.98 3.96 -3.71
CA ALA C 72 12.43 5.21 -3.19
C ALA C 72 13.57 6.03 -2.59
N ASP C 73 13.29 7.33 -2.43
CA ASP C 73 14.19 8.26 -1.76
C ASP C 73 13.29 9.30 -1.12
N THR C 74 13.31 9.35 0.21
CA THR C 74 12.40 10.26 0.91
C THR C 74 12.89 11.70 0.86
N SER C 75 14.19 11.94 0.69
CA SER C 75 14.66 13.31 0.52
C SER C 75 13.93 13.99 -0.63
N LYS C 76 13.85 13.33 -1.79
CA LYS C 76 13.09 13.86 -2.91
C LYS C 76 11.62 13.43 -2.89
N ASN C 77 11.21 12.62 -1.92
CA ASN C 77 9.83 12.15 -1.81
C ASN C 77 9.32 11.53 -3.13
N THR C 78 10.16 10.72 -3.76
CA THR C 78 9.80 10.14 -5.04
C THR C 78 10.12 8.66 -5.02
N ALA C 79 9.30 7.88 -5.69
CA ALA C 79 9.60 6.49 -5.98
C ALA C 79 10.01 6.35 -7.44
N TYR C 80 10.92 5.41 -7.70
CA TYR C 80 11.42 5.15 -9.04
C TYR C 80 11.14 3.72 -9.47
N LEU C 81 10.94 3.53 -10.76
CA LEU C 81 10.91 2.20 -11.35
C LEU C 81 12.07 2.13 -12.33
N GLN C 82 13.16 1.51 -11.90
CA GLN C 82 14.26 1.25 -12.81
C GLN C 82 13.91 0.06 -13.68
N MET C 83 13.85 0.30 -14.99
CA MET C 83 13.55 -0.75 -15.95
C MET C 83 14.85 -1.19 -16.63
N ASN C 84 15.16 -2.48 -16.51
CA ASN C 84 16.29 -3.06 -17.19
C ASN C 84 15.84 -4.30 -17.95
N SER C 85 16.65 -4.66 -18.95
CA SER C 85 16.37 -5.81 -19.79
C SER C 85 14.97 -5.69 -20.41
N LEU C 86 14.72 -4.51 -21.01
CA LEU C 86 13.41 -4.16 -21.54
C LEU C 86 12.99 -5.01 -22.72
N ARG C 87 11.74 -5.46 -22.68
CA ARG C 87 11.11 -6.20 -23.76
C ARG C 87 10.07 -5.32 -24.45
N ALA C 88 9.67 -5.75 -25.65
CA ALA C 88 8.57 -5.05 -26.33
C ALA C 88 7.25 -5.33 -25.64
N GLU C 89 7.15 -6.43 -24.88
CA GLU C 89 5.98 -6.65 -24.04
C GLU C 89 5.87 -5.62 -22.92
N ASP C 90 6.95 -4.89 -22.63
CA ASP C 90 6.94 -3.86 -21.60
C ASP C 90 6.44 -2.52 -22.13
N THR C 91 6.17 -2.42 -23.43
CA THR C 91 5.66 -1.18 -24.00
C THR C 91 4.25 -0.95 -23.47
N ALA C 92 4.05 0.18 -22.80
CA ALA C 92 2.82 0.46 -22.07
C ALA C 92 2.89 1.85 -21.48
N VAL C 93 1.74 2.37 -21.07
CA VAL C 93 1.70 3.49 -20.14
C VAL C 93 1.92 2.97 -18.73
N TYR C 94 2.85 3.56 -18.01
CA TYR C 94 3.17 3.13 -16.65
C TYR C 94 2.58 4.14 -15.68
N TYR C 95 1.72 3.67 -14.79
CA TYR C 95 1.14 4.48 -13.73
C TYR C 95 1.86 4.21 -12.42
N CYS C 96 1.93 5.23 -11.57
CA CYS C 96 2.25 5.02 -10.16
C CYS C 96 1.04 5.49 -9.37
N ALA C 97 0.75 4.80 -8.27
CA ALA C 97 -0.45 5.04 -7.49
C ALA C 97 -0.15 4.79 -6.01
N ARG C 98 -0.85 5.51 -5.14
CA ARG C 98 -0.67 5.41 -3.70
C ARG C 98 -1.70 4.43 -3.12
N HIS C 99 -1.25 3.59 -2.19
CA HIS C 99 -2.13 2.63 -1.56
C HIS C 99 -2.94 3.31 -0.46
N GLY C 100 -4.26 3.21 -0.56
CA GLY C 100 -5.12 3.78 0.45
C GLY C 100 -6.42 3.01 0.55
N TYR C 101 -6.78 2.59 1.76
CA TYR C 101 -7.97 1.78 2.01
C TYR C 101 -7.97 0.53 1.13
N GLY C 102 -7.00 -0.35 1.42
CA GLY C 102 -6.87 -1.66 0.80
C GLY C 102 -6.80 -1.66 -0.71
N ALA C 103 -6.68 -0.48 -1.31
CA ALA C 103 -6.68 -0.32 -2.76
C ALA C 103 -5.81 0.87 -3.11
N MET C 104 -6.18 1.63 -4.15
CA MET C 104 -5.33 2.66 -4.70
C MET C 104 -6.18 3.89 -4.98
N ASP C 105 -5.98 4.96 -4.21
CA ASP C 105 -6.82 6.14 -4.30
C ASP C 105 -6.25 7.20 -5.24
N TYR C 106 -5.03 7.66 -4.99
CA TYR C 106 -4.42 8.66 -5.85
C TYR C 106 -3.57 7.98 -6.90
N TRP C 107 -3.56 8.56 -8.10
CA TRP C 107 -2.86 8.00 -9.23
C TRP C 107 -2.02 9.07 -9.91
N GLY C 108 -1.00 8.61 -10.62
CA GLY C 108 -0.33 9.46 -11.58
C GLY C 108 -1.12 9.59 -12.86
N GLN C 109 -0.64 10.50 -13.71
CA GLN C 109 -1.19 10.74 -15.05
C GLN C 109 -0.76 9.69 -16.05
N GLY C 110 0.32 8.97 -15.76
CA GLY C 110 0.83 7.94 -16.62
C GLY C 110 1.86 8.46 -17.60
N THR C 111 3.02 7.83 -17.65
CA THR C 111 4.05 8.17 -18.62
C THR C 111 4.27 6.96 -19.52
N LEU C 112 4.45 7.22 -20.82
CA LEU C 112 4.53 6.18 -21.84
C LEU C 112 5.95 5.67 -22.03
N VAL C 113 6.11 4.35 -22.03
CA VAL C 113 7.39 3.72 -22.30
C VAL C 113 7.26 2.96 -23.62
N THR C 114 8.04 3.40 -24.63
CA THR C 114 7.95 2.92 -26.00
C THR C 114 9.24 2.17 -26.33
N VAL C 115 9.18 0.83 -26.36
CA VAL C 115 10.32 0.04 -26.82
C VAL C 115 10.44 0.09 -28.34
N PHE C 116 11.67 -0.07 -28.84
CA PHE C 116 11.91 0.12 -30.28
C PHE C 116 13.31 -0.37 -30.67
N ASN C 117 13.41 -1.02 -31.83
CA ASN C 117 14.73 -1.32 -32.42
C ASN C 117 15.25 -0.10 -33.20
N GLN C 118 14.45 0.37 -34.16
CA GLN C 118 14.77 1.55 -34.95
C GLN C 118 13.50 2.35 -35.21
N ILE C 119 13.70 3.63 -35.47
CA ILE C 119 12.62 4.57 -35.69
C ILE C 119 12.36 4.62 -37.19
N GLN C 120 11.09 4.56 -37.58
CA GLN C 120 10.72 4.60 -38.98
C GLN C 120 9.60 5.62 -39.13
N GLY C 121 9.85 6.64 -39.96
CA GLY C 121 8.81 7.55 -40.36
C GLY C 121 7.86 6.91 -41.34
N PRO C 122 6.69 7.52 -41.50
CA PRO C 122 5.61 6.90 -42.26
C PRO C 122 5.67 7.20 -43.74
N SER C 123 5.12 6.26 -44.51
CA SER C 123 4.68 6.50 -45.89
C SER C 123 3.18 6.76 -45.84
N VAL C 124 2.72 7.78 -46.54
CA VAL C 124 1.31 8.17 -46.50
C VAL C 124 0.75 8.06 -47.91
N PHE C 125 -0.32 7.26 -48.08
CA PHE C 125 -0.90 7.03 -49.40
C PHE C 125 -2.36 7.46 -49.40
N PRO C 126 -2.87 7.93 -50.54
CA PRO C 126 -4.27 8.38 -50.54
C PRO C 126 -5.22 7.21 -50.65
N LEU C 127 -6.36 7.35 -50.01
CA LEU C 127 -7.49 6.46 -50.24
C LEU C 127 -8.51 7.34 -50.99
N ALA C 128 -8.44 7.28 -52.34
CA ALA C 128 -9.14 8.20 -53.22
C ALA C 128 -10.59 7.78 -53.39
N PRO C 129 -11.53 8.72 -53.30
CA PRO C 129 -12.92 8.42 -53.64
C PRO C 129 -13.07 8.01 -55.09
N SER C 130 -14.09 7.20 -55.35
CA SER C 130 -14.40 6.72 -56.69
C SER C 130 -15.81 6.11 -56.64
N SER C 131 -16.24 5.58 -57.79
CA SER C 131 -17.54 4.93 -57.84
C SER C 131 -17.63 3.73 -56.91
N LYS C 132 -16.49 3.17 -56.55
CA LYS C 132 -16.37 2.07 -55.60
C LYS C 132 -16.29 2.55 -54.15
N SER C 133 -16.49 3.86 -53.93
CA SER C 133 -16.52 4.45 -52.59
C SER C 133 -17.72 5.39 -52.43
N THR C 134 -18.75 5.26 -53.27
CA THR C 134 -19.85 6.22 -53.28
C THR C 134 -21.20 5.51 -53.22
N SER C 135 -21.88 5.68 -52.09
CA SER C 135 -23.17 5.04 -51.83
C SER C 135 -24.14 6.02 -51.15
N GLY C 136 -25.37 6.08 -51.66
CA GLY C 136 -26.43 6.80 -50.98
C GLY C 136 -26.14 8.26 -50.71
N GLY C 137 -25.55 8.94 -51.69
CA GLY C 137 -25.20 10.34 -51.55
C GLY C 137 -23.99 10.63 -50.71
N THR C 138 -23.22 9.62 -50.34
CA THR C 138 -22.10 9.79 -49.43
C THR C 138 -20.88 9.20 -50.12
N ALA C 139 -19.78 9.96 -50.13
CA ALA C 139 -18.50 9.52 -50.64
C ALA C 139 -17.51 9.38 -49.49
N ALA C 140 -16.72 8.31 -49.54
CA ALA C 140 -15.69 8.03 -48.57
C ALA C 140 -14.32 8.26 -49.21
N LEU C 141 -13.41 8.83 -48.43
CA LEU C 141 -12.04 9.12 -48.84
C LEU C 141 -11.16 9.00 -47.59
N GLY C 142 -9.85 8.85 -47.77
CA GLY C 142 -9.02 8.63 -46.61
C GLY C 142 -7.54 8.71 -46.90
N CYS C 143 -6.76 8.33 -45.88
CA CYS C 143 -5.30 8.36 -45.93
C CYS C 143 -4.74 7.11 -45.29
N LEU C 144 -3.93 6.37 -46.03
CA LEU C 144 -3.27 5.18 -45.52
C LEU C 144 -1.88 5.59 -45.04
N VAL C 145 -1.61 5.40 -43.75
CA VAL C 145 -0.34 5.73 -43.12
C VAL C 145 0.35 4.41 -42.78
N LYS C 146 1.42 4.09 -43.48
CA LYS C 146 2.01 2.76 -43.47
C LYS C 146 3.47 2.79 -43.05
N ASP C 147 3.89 1.72 -42.36
CA ASP C 147 5.30 1.36 -42.17
C ASP C 147 6.05 2.35 -41.28
N TYR C 148 5.42 2.73 -40.18
CA TYR C 148 6.07 3.65 -39.25
C TYR C 148 6.38 2.95 -37.94
N PHE C 149 7.36 3.48 -37.23
CA PHE C 149 7.64 2.94 -35.91
C PHE C 149 8.44 3.92 -35.07
N PRO C 150 8.07 4.12 -33.81
CA PRO C 150 6.91 3.51 -33.15
C PRO C 150 5.69 4.42 -33.22
N GLY C 151 4.65 4.17 -32.42
CA GLY C 151 3.52 5.08 -32.32
C GLY C 151 3.85 6.26 -31.44
N PRO C 152 2.95 7.23 -31.42
CA PRO C 152 1.71 7.30 -32.20
C PRO C 152 1.90 8.16 -33.44
N VAL C 153 0.96 7.99 -34.39
CA VAL C 153 0.70 8.98 -35.41
C VAL C 153 -0.60 9.62 -35.01
N THR C 154 -0.71 10.91 -35.30
CA THR C 154 -1.95 11.65 -35.15
C THR C 154 -2.40 12.10 -36.52
N VAL C 155 -3.69 12.00 -36.77
CA VAL C 155 -4.26 12.40 -38.03
C VAL C 155 -5.40 13.36 -37.76
N SER C 156 -5.38 14.49 -38.45
CA SER C 156 -6.53 15.40 -38.55
C SER C 156 -6.84 15.61 -40.02
N TRP C 157 -7.97 16.27 -40.29
CA TRP C 157 -8.36 16.62 -41.65
C TRP C 157 -8.58 18.12 -41.74
N ASN C 158 -7.95 18.75 -42.74
CA ASN C 158 -8.01 20.19 -42.94
C ASN C 158 -7.72 20.91 -41.64
N SER C 159 -6.64 20.47 -40.99
CA SER C 159 -6.09 21.14 -39.82
C SER C 159 -7.10 21.23 -38.68
N GLY C 160 -8.06 20.30 -38.64
CA GLY C 160 -9.06 20.26 -37.60
C GLY C 160 -10.38 20.92 -37.95
N ALA C 161 -10.47 21.62 -39.08
CA ALA C 161 -11.76 22.16 -39.53
C ALA C 161 -12.75 21.04 -39.81
N LEU C 162 -12.25 19.93 -40.37
CA LEU C 162 -13.05 18.78 -40.75
C LEU C 162 -12.94 17.73 -39.66
N THR C 163 -14.06 17.49 -38.96
CA THR C 163 -14.05 16.59 -37.81
C THR C 163 -15.22 15.63 -37.89
N SER C 164 -16.32 16.08 -38.47
CA SER C 164 -17.48 15.20 -38.54
C SER C 164 -17.25 14.12 -39.60
N GLY C 165 -17.73 12.91 -39.32
CA GLY C 165 -17.54 11.80 -40.20
C GLY C 165 -16.17 11.14 -40.12
N VAL C 166 -15.21 11.72 -39.40
CA VAL C 166 -13.85 11.20 -39.39
C VAL C 166 -13.76 9.92 -38.57
N HIS C 167 -12.93 8.99 -39.03
CA HIS C 167 -12.58 7.81 -38.24
C HIS C 167 -11.11 7.55 -38.45
N THR C 168 -10.32 7.70 -37.37
CA THR C 168 -8.94 7.25 -37.38
C THR C 168 -8.86 5.95 -36.60
N PHE C 169 -8.51 4.89 -37.29
CA PHE C 169 -8.56 3.60 -36.65
C PHE C 169 -7.34 3.41 -35.77
N PRO C 170 -7.46 2.55 -34.77
CA PRO C 170 -6.27 2.14 -34.01
C PRO C 170 -5.21 1.59 -34.97
N ALA C 171 -3.95 1.87 -34.64
CA ALA C 171 -2.83 1.33 -35.39
C ALA C 171 -2.76 -0.18 -35.17
N VAL C 172 -2.36 -0.91 -36.22
CA VAL C 172 -2.14 -2.36 -36.20
C VAL C 172 -0.68 -2.68 -36.48
N LEU C 173 -0.20 -3.80 -35.92
CA LEU C 173 1.17 -4.24 -36.12
C LEU C 173 1.19 -5.20 -37.29
N GLN C 174 1.86 -4.83 -38.35
CA GLN C 174 1.98 -5.68 -39.51
C GLN C 174 3.06 -6.72 -39.25
N SER C 175 3.05 -7.78 -40.06
CA SER C 175 3.99 -8.87 -39.82
C SER C 175 5.44 -8.43 -40.01
N SER C 176 5.66 -7.18 -40.43
CA SER C 176 7.00 -6.63 -40.59
C SER C 176 7.55 -6.00 -39.33
N GLY C 177 6.75 -5.87 -38.27
CA GLY C 177 7.17 -5.14 -37.10
C GLY C 177 6.85 -3.66 -37.12
N LEU C 178 6.38 -3.15 -38.27
CA LEU C 178 6.02 -1.75 -38.42
C LEU C 178 4.51 -1.58 -38.33
N TYR C 179 4.09 -0.44 -37.76
CA TYR C 179 2.70 -0.10 -37.55
C TYR C 179 2.03 0.44 -38.81
N SER C 180 0.70 0.37 -38.81
CA SER C 180 -0.10 0.84 -39.93
C SER C 180 -1.47 1.25 -39.42
N LEU C 181 -1.99 2.37 -39.94
CA LEU C 181 -3.35 2.78 -39.66
C LEU C 181 -3.93 3.55 -40.84
N SER C 182 -5.24 3.71 -40.83
CA SER C 182 -5.95 4.50 -41.82
C SER C 182 -6.85 5.51 -41.13
N SER C 183 -7.01 6.66 -41.77
CA SER C 183 -7.98 7.66 -41.33
C SER C 183 -8.85 7.98 -42.54
N VAL C 184 -10.16 7.81 -42.36
CA VAL C 184 -11.12 8.01 -43.44
C VAL C 184 -12.13 9.06 -43.00
N VAL C 185 -12.87 9.60 -43.98
CA VAL C 185 -14.01 10.46 -43.66
C VAL C 185 -15.04 10.29 -44.77
N THR C 186 -16.32 10.25 -44.39
CA THR C 186 -17.41 10.29 -45.35
C THR C 186 -17.93 11.72 -45.46
N VAL C 187 -18.11 12.15 -46.70
CA VAL C 187 -18.55 13.51 -47.00
C VAL C 187 -19.69 13.37 -48.02
N PRO C 188 -20.55 14.38 -48.12
CA PRO C 188 -21.59 14.30 -49.16
C PRO C 188 -20.96 14.26 -50.54
N SER C 189 -21.53 13.42 -51.43
CA SER C 189 -20.90 13.16 -52.72
C SER C 189 -20.67 14.43 -53.54
N SER C 190 -21.65 15.35 -53.52
CA SER C 190 -21.50 16.60 -54.26
C SER C 190 -20.32 17.41 -53.77
N SER C 191 -19.96 17.28 -52.48
CA SER C 191 -18.87 18.04 -51.87
C SER C 191 -17.54 17.78 -52.54
N LEU C 192 -17.42 16.68 -53.28
CA LEU C 192 -16.14 16.29 -53.85
C LEU C 192 -15.58 17.36 -54.77
N GLY C 193 -16.43 18.26 -55.23
CA GLY C 193 -15.95 19.30 -56.10
C GLY C 193 -15.98 20.67 -55.45
N THR C 194 -16.52 20.75 -54.24
CA THR C 194 -16.61 22.04 -53.56
C THR C 194 -15.53 22.26 -52.53
N GLN C 195 -14.99 21.20 -51.92
CA GLN C 195 -13.99 21.30 -50.87
C GLN C 195 -12.83 20.40 -51.20
N THR C 196 -11.62 20.85 -50.88
CA THR C 196 -10.46 19.98 -50.91
C THR C 196 -10.34 19.25 -49.59
N TYR C 197 -9.81 18.04 -49.64
CA TYR C 197 -9.69 17.23 -48.43
C TYR C 197 -8.22 16.86 -48.25
N ILE C 198 -7.63 17.30 -47.15
CA ILE C 198 -6.22 17.09 -46.84
C ILE C 198 -6.12 16.39 -45.49
N CYS C 199 -5.35 15.31 -45.44
CA CYS C 199 -5.04 14.67 -44.18
C CYS C 199 -3.71 15.20 -43.66
N ASN C 200 -3.65 15.41 -42.35
CA ASN C 200 -2.47 15.93 -41.68
C ASN C 200 -1.94 14.81 -40.80
N VAL C 201 -0.85 14.18 -41.23
CA VAL C 201 -0.24 13.11 -40.48
C VAL C 201 0.97 13.67 -39.76
N ASN C 202 1.08 13.39 -38.46
CA ASN C 202 2.17 13.85 -37.60
C ASN C 202 2.76 12.64 -36.91
N HIS C 203 4.05 12.41 -37.11
CA HIS C 203 4.77 11.29 -36.50
C HIS C 203 5.97 11.88 -35.77
N LYS C 204 5.77 12.14 -34.50
CA LYS C 204 6.74 12.90 -33.73
C LYS C 204 8.11 12.23 -33.60
N PRO C 205 8.22 10.90 -33.41
CA PRO C 205 9.56 10.29 -33.23
C PRO C 205 10.50 10.40 -34.44
N SER C 206 9.99 10.68 -35.63
CA SER C 206 10.86 10.92 -36.78
C SER C 206 10.87 12.39 -37.21
N ASN C 207 10.23 13.26 -36.43
CA ASN C 207 10.00 14.66 -36.78
C ASN C 207 9.52 14.79 -38.22
N THR C 208 8.52 13.96 -38.56
CA THR C 208 7.91 13.93 -39.88
C THR C 208 6.49 14.45 -39.81
N LYS C 209 6.17 15.44 -40.66
CA LYS C 209 4.82 15.89 -40.94
C LYS C 209 4.52 15.58 -42.39
N VAL C 210 3.32 15.09 -42.67
CA VAL C 210 2.88 14.90 -44.05
C VAL C 210 1.49 15.49 -44.21
N ASP C 211 1.24 16.12 -45.36
CA ASP C 211 -0.07 16.64 -45.73
C ASP C 211 -0.41 16.10 -47.10
N LYS C 212 -1.51 15.33 -47.21
CA LYS C 212 -1.90 14.66 -48.46
C LYS C 212 -3.23 15.22 -48.93
N LYS C 213 -3.22 15.96 -50.03
CA LYS C 213 -4.48 16.34 -50.67
C LYS C 213 -5.04 15.10 -51.35
N VAL C 214 -6.18 14.61 -50.87
CA VAL C 214 -6.79 13.42 -51.44
C VAL C 214 -7.81 13.88 -52.48
N GLU C 215 -7.63 13.40 -53.71
CA GLU C 215 -8.40 13.81 -54.88
C GLU C 215 -9.09 12.59 -55.50
N PRO C 216 -10.25 12.76 -56.13
CA PRO C 216 -10.90 11.61 -56.79
C PRO C 216 -9.96 10.95 -57.80
N LYS C 217 -10.05 9.63 -57.91
CA LYS C 217 -9.17 8.87 -58.80
C LYS C 217 -9.18 9.45 -60.20
N SER C 218 -7.99 9.86 -60.67
CA SER C 218 -7.88 10.43 -62.01
C SER C 218 -8.20 9.33 -63.01
N CYS C 219 -9.19 9.59 -63.84
CA CYS C 219 -9.74 8.58 -64.74
C CYS C 219 -8.80 8.28 -65.91
N ASP C 220 -8.49 6.99 -66.09
CA ASP C 220 -7.51 6.56 -67.08
C ASP C 220 -8.12 6.40 -68.48
N LYS C 221 -9.32 5.83 -68.58
CA LYS C 221 -10.00 5.67 -69.87
C LYS C 221 -11.51 5.58 -69.68
N ASP D 1 -0.60 -17.83 -7.94
CA ASP D 1 -1.19 -16.50 -7.88
C ASP D 1 -2.70 -16.56 -8.07
N ILE D 2 -3.35 -15.41 -7.94
CA ILE D 2 -4.80 -15.32 -7.84
C ILE D 2 -5.34 -14.71 -9.13
N GLN D 3 -6.11 -15.49 -9.88
CA GLN D 3 -6.64 -15.04 -11.16
C GLN D 3 -8.05 -14.51 -10.90
N MET D 4 -8.23 -13.21 -11.10
CA MET D 4 -9.55 -12.58 -11.00
C MET D 4 -10.21 -12.68 -12.37
N THR D 5 -11.14 -13.63 -12.52
CA THR D 5 -11.84 -13.83 -13.77
C THR D 5 -13.07 -12.93 -13.77
N GLN D 6 -13.13 -12.02 -14.74
CA GLN D 6 -14.14 -10.97 -14.77
C GLN D 6 -15.16 -11.25 -15.86
N SER D 7 -16.42 -11.11 -15.51
CA SER D 7 -17.50 -11.31 -16.45
C SER D 7 -18.55 -10.24 -16.23
N PRO D 8 -19.19 -9.78 -17.31
CA PRO D 8 -18.91 -10.23 -18.68
C PRO D 8 -17.75 -9.52 -19.34
N SER D 9 -17.49 -9.91 -20.57
CA SER D 9 -16.43 -9.23 -21.30
C SER D 9 -16.90 -7.84 -21.74
N SER D 10 -18.15 -7.74 -22.20
CA SER D 10 -18.80 -6.49 -22.58
C SER D 10 -20.30 -6.68 -22.42
N LEU D 11 -21.02 -5.58 -22.52
CA LEU D 11 -22.45 -5.66 -22.46
C LEU D 11 -23.03 -4.36 -22.99
N SER D 12 -24.28 -4.42 -23.47
CA SER D 12 -24.98 -3.26 -24.00
C SER D 12 -26.17 -2.95 -23.09
N ALA D 13 -26.21 -1.74 -22.59
CA ALA D 13 -27.32 -1.30 -21.77
C ALA D 13 -27.77 0.09 -22.20
N SER D 14 -28.88 0.52 -21.62
CA SER D 14 -29.40 1.84 -21.88
C SER D 14 -29.26 2.72 -20.65
N VAL D 15 -29.27 4.03 -20.88
CA VAL D 15 -29.31 4.95 -19.77
C VAL D 15 -30.53 4.61 -18.92
N GLY D 16 -30.33 4.58 -17.59
CA GLY D 16 -31.38 4.16 -16.70
C GLY D 16 -31.55 2.67 -16.55
N ASP D 17 -30.78 1.87 -17.29
CA ASP D 17 -30.80 0.41 -17.13
C ASP D 17 -30.14 0.01 -15.81
N ARG D 18 -30.54 -1.13 -15.27
CA ARG D 18 -29.80 -1.72 -14.18
C ARG D 18 -28.79 -2.71 -14.73
N VAL D 19 -27.58 -2.66 -14.20
CA VAL D 19 -26.43 -3.36 -14.75
C VAL D 19 -25.58 -3.90 -13.61
N THR D 20 -25.12 -5.14 -13.75
CA THR D 20 -24.41 -5.85 -12.70
C THR D 20 -23.21 -6.52 -13.34
N ILE D 21 -22.02 -6.28 -12.77
CA ILE D 21 -20.77 -6.85 -13.26
C ILE D 21 -20.14 -7.66 -12.13
N THR D 22 -19.75 -8.89 -12.43
CA THR D 22 -19.21 -9.77 -11.42
C THR D 22 -17.78 -10.14 -11.74
N CYS D 23 -17.07 -10.52 -10.68
CA CYS D 23 -15.65 -10.84 -10.68
C CYS D 23 -15.48 -11.98 -9.70
N ARG D 24 -14.90 -13.10 -10.15
CA ARG D 24 -14.80 -14.31 -9.34
C ARG D 24 -13.33 -14.63 -9.06
N ALA D 25 -12.97 -14.66 -7.79
CA ALA D 25 -11.60 -14.94 -7.39
C ALA D 25 -11.27 -16.43 -7.52
N SER D 26 -10.00 -16.71 -7.85
CA SER D 26 -9.57 -18.08 -8.04
C SER D 26 -9.32 -18.82 -6.72
N GLN D 27 -8.85 -18.13 -5.69
CA GLN D 27 -8.85 -18.65 -4.32
C GLN D 27 -9.34 -17.56 -3.39
N SER D 28 -9.82 -17.95 -2.21
CA SER D 28 -10.42 -16.99 -1.28
C SER D 28 -9.46 -15.85 -0.97
N VAL D 29 -9.87 -14.63 -1.32
CA VAL D 29 -9.09 -13.42 -1.10
C VAL D 29 -9.64 -12.62 0.08
N SER D 30 -10.43 -13.26 0.93
CA SER D 30 -11.22 -12.61 1.97
C SER D 30 -12.06 -11.56 1.24
N SER D 31 -12.12 -10.32 1.72
CA SER D 31 -12.87 -9.26 1.07
C SER D 31 -11.96 -8.18 0.49
N ALA D 32 -10.69 -8.49 0.27
CA ALA D 32 -9.73 -7.47 -0.17
C ALA D 32 -9.90 -7.25 -1.65
N VAL D 33 -10.96 -6.53 -2.03
CA VAL D 33 -11.24 -6.32 -3.45
C VAL D 33 -11.71 -4.89 -3.69
N ALA D 34 -11.40 -4.36 -4.87
CA ALA D 34 -11.73 -3.00 -5.23
C ALA D 34 -12.22 -2.93 -6.68
N TRP D 35 -12.90 -1.83 -7.00
CA TRP D 35 -13.46 -1.58 -8.31
C TRP D 35 -13.02 -0.22 -8.83
N TYR D 36 -12.64 -0.16 -10.11
CA TYR D 36 -12.22 1.08 -10.78
C TYR D 36 -12.98 1.22 -12.08
N GLN D 37 -13.08 2.47 -12.51
CA GLN D 37 -13.63 2.83 -13.81
C GLN D 37 -12.52 3.48 -14.63
N GLN D 38 -12.53 3.25 -15.94
CA GLN D 38 -11.54 3.90 -16.82
C GLN D 38 -12.23 4.43 -18.06
N LYS D 39 -11.98 5.68 -18.35
CA LYS D 39 -12.41 6.28 -19.61
C LYS D 39 -11.18 6.50 -20.49
N PRO D 40 -11.30 6.45 -21.82
CA PRO D 40 -10.12 6.21 -22.66
C PRO D 40 -8.91 7.06 -22.29
N GLY D 41 -7.76 6.39 -22.20
CA GLY D 41 -6.53 7.11 -21.97
C GLY D 41 -6.45 7.97 -20.71
N LYS D 42 -7.23 7.66 -19.69
CA LYS D 42 -7.18 8.37 -18.43
C LYS D 42 -6.98 7.38 -17.28
N ALA D 43 -6.45 7.89 -16.18
CA ALA D 43 -6.14 7.02 -15.06
C ALA D 43 -7.43 6.41 -14.49
N PRO D 44 -7.32 5.21 -13.92
CA PRO D 44 -8.48 4.62 -13.23
C PRO D 44 -8.91 5.45 -12.02
N LYS D 45 -10.21 5.42 -11.76
CA LYS D 45 -10.79 6.05 -10.58
C LYS D 45 -11.21 4.97 -9.58
N LEU D 46 -10.76 5.09 -8.33
CA LEU D 46 -11.16 4.15 -7.30
C LEU D 46 -12.65 4.32 -6.99
N LEU D 47 -13.44 3.26 -7.16
CA LEU D 47 -14.89 3.33 -7.02
C LEU D 47 -15.38 2.66 -5.74
N ILE D 48 -15.03 1.40 -5.55
CA ILE D 48 -15.37 0.61 -4.38
C ILE D 48 -14.06 0.10 -3.79
N TYR D 49 -13.95 0.11 -2.46
CA TYR D 49 -12.87 -0.60 -1.80
C TYR D 49 -13.47 -1.62 -0.82
N SER D 50 -12.64 -2.60 -0.44
CA SER D 50 -13.04 -3.67 0.47
C SER D 50 -14.37 -4.30 0.02
N ALA D 51 -14.42 -4.67 -1.27
CA ALA D 51 -15.57 -5.37 -1.84
C ALA D 51 -16.85 -4.53 -1.85
N SER D 52 -17.21 -3.88 -0.74
CA SER D 52 -18.55 -3.33 -0.62
C SER D 52 -18.63 -1.85 -0.26
N SER D 53 -17.57 -1.22 0.25
CA SER D 53 -17.68 0.12 0.83
C SER D 53 -17.43 1.17 -0.24
N LEU D 54 -18.30 2.20 -0.26
CA LEU D 54 -18.23 3.25 -1.27
C LEU D 54 -17.07 4.18 -0.98
N TYR D 55 -16.22 4.39 -1.98
CA TYR D 55 -15.21 5.43 -1.85
C TYR D 55 -15.90 6.77 -1.79
N SER D 56 -15.47 7.62 -0.85
CA SER D 56 -16.15 8.87 -0.60
C SER D 56 -15.97 9.81 -1.79
N GLY D 57 -17.08 10.33 -2.31
CA GLY D 57 -17.12 11.13 -3.51
C GLY D 57 -17.77 10.44 -4.69
N VAL D 58 -17.85 9.12 -4.68
CA VAL D 58 -18.46 8.36 -5.78
C VAL D 58 -19.99 8.44 -5.70
N PRO D 59 -20.69 8.46 -6.83
CA PRO D 59 -22.16 8.43 -6.79
C PRO D 59 -22.66 7.16 -6.11
N SER D 60 -23.85 7.24 -5.54
CA SER D 60 -24.38 6.16 -4.72
C SER D 60 -25.06 5.06 -5.50
N ARG D 61 -25.44 5.33 -6.75
CA ARG D 61 -25.93 4.26 -7.60
C ARG D 61 -24.86 3.20 -7.79
N PHE D 62 -23.61 3.52 -7.49
CA PHE D 62 -22.55 2.52 -7.49
C PHE D 62 -22.56 1.80 -6.15
N SER D 63 -22.24 0.51 -6.18
CA SER D 63 -22.23 -0.34 -4.99
C SER D 63 -21.67 -1.72 -5.34
N GLY D 64 -21.11 -2.40 -4.34
CA GLY D 64 -20.52 -3.70 -4.55
C GLY D 64 -20.91 -4.67 -3.45
N SER D 65 -20.61 -5.95 -3.68
CA SER D 65 -20.97 -6.97 -2.70
C SER D 65 -20.19 -8.26 -2.94
N ARG D 66 -20.04 -9.03 -1.87
CA ARG D 66 -19.30 -10.28 -1.87
C ARG D 66 -20.16 -11.43 -1.40
N SER D 67 -20.11 -12.54 -2.15
CA SER D 67 -20.70 -13.82 -1.76
C SER D 67 -19.65 -14.89 -2.06
N GLY D 68 -18.91 -15.29 -1.03
CA GLY D 68 -17.86 -16.27 -1.19
C GLY D 68 -16.66 -15.70 -1.93
N THR D 69 -16.37 -16.23 -3.10
CA THR D 69 -15.36 -15.67 -3.97
C THR D 69 -15.97 -14.87 -5.11
N ASP D 70 -17.28 -14.60 -5.05
CA ASP D 70 -18.01 -13.80 -6.03
C ASP D 70 -18.10 -12.36 -5.55
N PHE D 71 -17.50 -11.44 -6.28
CA PHE D 71 -17.64 -10.01 -6.01
C PHE D 71 -18.40 -9.34 -7.15
N THR D 72 -19.31 -8.45 -6.78
CA THR D 72 -20.23 -7.86 -7.74
C THR D 72 -20.16 -6.35 -7.63
N LEU D 73 -20.24 -5.70 -8.79
CA LEU D 73 -20.42 -4.26 -8.90
C LEU D 73 -21.76 -4.02 -9.55
N THR D 74 -22.50 -3.04 -9.06
CA THR D 74 -23.80 -2.77 -9.63
C THR D 74 -23.97 -1.27 -9.78
N ILE D 75 -24.49 -0.85 -10.93
CA ILE D 75 -25.04 0.50 -11.10
C ILE D 75 -26.56 0.36 -11.19
N SER D 76 -27.26 0.97 -10.24
CA SER D 76 -28.71 0.78 -10.17
C SER D 76 -29.40 1.50 -11.31
N SER D 77 -28.93 2.70 -11.66
CA SER D 77 -29.49 3.49 -12.76
C SER D 77 -28.32 4.06 -13.52
N LEU D 78 -28.00 3.45 -14.66
CA LEU D 78 -26.85 3.85 -15.44
C LEU D 78 -27.00 5.27 -15.96
N GLN D 79 -26.03 6.11 -15.64
CA GLN D 79 -26.02 7.45 -16.21
C GLN D 79 -25.00 7.52 -17.35
N PRO D 80 -25.19 8.48 -18.28
CA PRO D 80 -24.28 8.53 -19.46
C PRO D 80 -22.80 8.56 -19.16
N GLU D 81 -22.35 9.32 -18.15
CA GLU D 81 -20.92 9.32 -17.84
C GLU D 81 -20.41 7.94 -17.44
N ASP D 82 -21.27 7.07 -16.93
CA ASP D 82 -20.82 5.77 -16.43
C ASP D 82 -20.63 4.73 -17.52
N PHE D 83 -20.73 5.10 -18.79
CA PHE D 83 -20.32 4.20 -19.85
C PHE D 83 -18.80 4.26 -19.95
N ALA D 84 -18.15 3.13 -19.72
CA ALA D 84 -16.71 3.08 -19.58
C ALA D 84 -16.31 1.62 -19.48
N THR D 85 -15.06 1.38 -19.12
CA THR D 85 -14.54 0.05 -18.83
C THR D 85 -14.27 -0.04 -17.33
N TYR D 86 -14.64 -1.15 -16.71
CA TYR D 86 -14.52 -1.32 -15.27
C TYR D 86 -13.63 -2.51 -14.98
N TYR D 87 -12.89 -2.43 -13.86
CA TYR D 87 -11.87 -3.39 -13.49
C TYR D 87 -12.03 -3.72 -12.01
N CYS D 88 -12.02 -4.99 -11.66
CA CYS D 88 -11.92 -5.32 -10.25
C CYS D 88 -10.45 -5.46 -9.88
N GLN D 89 -10.19 -5.44 -8.56
CA GLN D 89 -8.83 -5.64 -8.08
C GLN D 89 -8.88 -6.39 -6.75
N GLN D 90 -7.93 -7.30 -6.55
CA GLN D 90 -7.72 -7.95 -5.25
C GLN D 90 -6.39 -7.50 -4.68
N SER D 91 -6.33 -7.33 -3.36
CA SER D 91 -5.11 -6.88 -2.69
C SER D 91 -4.69 -7.84 -1.60
N SER D 92 -4.88 -9.13 -1.83
CA SER D 92 -4.54 -10.11 -0.80
C SER D 92 -3.03 -10.35 -0.80
N TYR D 93 -2.49 -10.59 0.40
CA TYR D 93 -1.06 -10.85 0.59
C TYR D 93 -0.25 -9.70 -0.01
N SER D 94 0.40 -9.98 -1.14
CA SER D 94 1.30 -9.00 -1.74
C SER D 94 1.29 -8.96 -3.27
N LEU D 95 0.88 -10.01 -3.97
CA LEU D 95 0.87 -9.99 -5.42
C LEU D 95 -0.51 -9.52 -5.88
N ILE D 96 -0.56 -8.36 -6.54
CA ILE D 96 -1.83 -7.72 -6.92
C ILE D 96 -2.27 -8.18 -8.30
N THR D 97 -3.57 -8.45 -8.47
CA THR D 97 -4.11 -8.82 -9.76
C THR D 97 -5.43 -8.10 -10.04
N PHE D 98 -5.68 -7.85 -11.32
CA PHE D 98 -6.89 -7.19 -11.79
C PHE D 98 -7.75 -8.15 -12.59
N GLY D 99 -8.99 -7.76 -12.82
CA GLY D 99 -9.78 -8.40 -13.84
C GLY D 99 -9.43 -7.88 -15.22
N GLN D 100 -9.80 -8.67 -16.24
CA GLN D 100 -9.44 -8.33 -17.61
C GLN D 100 -10.24 -7.14 -18.10
N GLY D 101 -11.44 -6.95 -17.58
CA GLY D 101 -12.24 -5.80 -17.98
C GLY D 101 -13.67 -6.09 -18.41
N THR D 102 -14.53 -5.09 -18.19
CA THR D 102 -15.91 -5.12 -18.66
C THR D 102 -16.21 -3.81 -19.37
N LYS D 103 -16.22 -3.83 -20.69
CA LYS D 103 -16.55 -2.62 -21.43
C LYS D 103 -18.05 -2.45 -21.38
N VAL D 104 -18.50 -1.33 -20.85
CA VAL D 104 -19.92 -1.03 -20.73
C VAL D 104 -20.27 -0.09 -21.88
N GLU D 105 -20.93 -0.63 -22.88
CA GLU D 105 -21.28 0.08 -24.10
C GLU D 105 -22.77 0.35 -24.16
N ILE D 106 -23.12 1.25 -25.07
CA ILE D 106 -24.45 1.80 -25.19
C ILE D 106 -25.28 0.91 -26.12
N LYS D 107 -26.50 0.56 -25.70
CA LYS D 107 -27.40 -0.07 -26.64
C LYS D 107 -27.90 0.96 -27.65
N ARG D 108 -28.05 0.53 -28.89
CA ARG D 108 -28.72 1.34 -29.88
C ARG D 108 -29.39 0.39 -30.85
N THR D 109 -30.15 0.95 -31.77
CA THR D 109 -30.80 0.14 -32.79
C THR D 109 -29.78 -0.36 -33.81
N VAL D 110 -30.09 -1.51 -34.43
CA VAL D 110 -29.20 -2.13 -35.43
C VAL D 110 -28.91 -1.17 -36.60
N ALA D 111 -27.79 -1.40 -37.28
CA ALA D 111 -27.44 -0.62 -38.46
C ALA D 111 -26.54 -1.42 -39.38
N ALA D 112 -26.82 -1.35 -40.68
CA ALA D 112 -25.95 -1.97 -41.68
C ALA D 112 -24.81 -1.02 -42.02
N PRO D 113 -23.64 -1.54 -42.37
CA PRO D 113 -22.54 -0.65 -42.79
C PRO D 113 -22.69 -0.16 -44.22
N SER D 114 -22.23 1.07 -44.43
CA SER D 114 -21.86 1.52 -45.76
C SER D 114 -20.50 0.88 -46.08
N VAL D 115 -20.42 0.21 -47.22
CA VAL D 115 -19.23 -0.57 -47.54
C VAL D 115 -18.50 0.10 -48.68
N PHE D 116 -17.26 0.53 -48.45
CA PHE D 116 -16.47 1.20 -49.47
C PHE D 116 -15.16 0.46 -49.73
N ILE D 117 -14.74 0.43 -50.99
CA ILE D 117 -13.52 -0.26 -51.38
C ILE D 117 -12.56 0.74 -52.02
N PHE D 118 -11.28 0.58 -51.72
CA PHE D 118 -10.26 1.50 -52.22
C PHE D 118 -9.13 0.73 -52.87
N PRO D 119 -8.96 0.79 -54.19
CA PRO D 119 -7.79 0.18 -54.83
C PRO D 119 -6.52 0.82 -54.31
N PRO D 120 -5.39 0.18 -54.47
CA PRO D 120 -4.12 0.83 -54.12
C PRO D 120 -3.86 2.02 -55.02
N SER D 121 -3.19 3.02 -54.46
CA SER D 121 -2.76 4.18 -55.20
C SER D 121 -1.53 3.86 -56.05
N ASP D 122 -1.40 4.55 -57.19
CA ASP D 122 -0.22 4.34 -58.01
C ASP D 122 1.06 4.76 -57.30
N GLU D 123 1.00 5.73 -56.38
CA GLU D 123 2.17 6.04 -55.57
C GLU D 123 2.66 4.84 -54.78
N GLN D 124 1.74 4.03 -54.25
CA GLN D 124 2.18 2.95 -53.36
C GLN D 124 2.98 1.88 -54.11
N LEU D 125 2.61 1.60 -55.37
CA LEU D 125 3.23 0.52 -56.10
C LEU D 125 4.74 0.70 -56.24
N LYS D 126 5.23 1.93 -56.12
CA LYS D 126 6.67 2.19 -56.12
C LYS D 126 7.39 1.42 -55.02
N SER D 127 6.72 1.17 -53.90
CA SER D 127 7.34 0.45 -52.79
C SER D 127 7.38 -1.06 -52.98
N GLY D 128 6.74 -1.57 -54.04
CA GLY D 128 6.70 -3.01 -54.24
C GLY D 128 5.65 -3.74 -53.44
N THR D 129 4.79 -3.01 -52.72
CA THR D 129 3.67 -3.62 -52.00
C THR D 129 2.39 -2.91 -52.43
N ALA D 130 1.30 -3.66 -52.47
CA ALA D 130 -0.02 -3.15 -52.86
C ALA D 130 -0.99 -3.40 -51.72
N SER D 131 -1.67 -2.33 -51.29
CA SER D 131 -2.61 -2.36 -50.17
C SER D 131 -3.99 -2.07 -50.71
N VAL D 132 -4.93 -2.99 -50.43
CA VAL D 132 -6.33 -2.79 -50.73
C VAL D 132 -7.09 -2.59 -49.43
N VAL D 133 -7.90 -1.54 -49.37
CA VAL D 133 -8.62 -1.20 -48.15
C VAL D 133 -10.11 -1.32 -48.39
N CYS D 134 -10.79 -2.02 -47.47
CA CYS D 134 -12.24 -2.09 -47.41
C CYS D 134 -12.71 -1.40 -46.13
N LEU D 135 -13.70 -0.52 -46.26
CA LEU D 135 -14.22 0.25 -45.14
C LEU D 135 -15.66 -0.12 -44.86
N LEU D 136 -15.95 -0.54 -43.63
CA LEU D 136 -17.32 -0.73 -43.16
C LEU D 136 -17.64 0.42 -42.21
N ASN D 137 -18.57 1.28 -42.62
CA ASN D 137 -18.82 2.53 -41.92
C ASN D 137 -20.13 2.50 -41.14
N ASN D 138 -20.04 2.85 -39.85
CA ASN D 138 -21.15 3.14 -38.95
C ASN D 138 -22.25 2.09 -38.97
N PHE D 139 -22.00 0.99 -38.29
CA PHE D 139 -22.92 -0.13 -38.18
C PHE D 139 -23.06 -0.49 -36.70
N TYR D 140 -24.07 -1.29 -36.38
CA TYR D 140 -24.30 -1.78 -35.00
C TYR D 140 -24.98 -3.14 -35.10
N PRO D 141 -24.54 -4.14 -34.32
CA PRO D 141 -23.44 -4.13 -33.35
C PRO D 141 -22.11 -4.51 -33.99
N ARG D 142 -21.07 -4.76 -33.16
CA ARG D 142 -19.68 -4.86 -33.60
C ARG D 142 -19.46 -5.99 -34.58
N GLU D 143 -20.14 -7.13 -34.38
CA GLU D 143 -19.82 -8.36 -35.11
C GLU D 143 -19.98 -8.19 -36.61
N ALA D 144 -18.89 -8.43 -37.33
CA ALA D 144 -18.86 -8.38 -38.78
C ALA D 144 -17.69 -9.23 -39.28
N LYS D 145 -17.92 -9.97 -40.35
CA LYS D 145 -16.93 -10.80 -41.00
C LYS D 145 -16.55 -10.16 -42.33
N VAL D 146 -15.26 -9.97 -42.57
CA VAL D 146 -14.78 -9.40 -43.83
C VAL D 146 -13.96 -10.46 -44.53
N SER D 147 -14.35 -10.77 -45.76
CA SER D 147 -13.61 -11.73 -46.57
C SER D 147 -13.04 -11.04 -47.81
N TRP D 148 -11.85 -11.45 -48.19
CA TRP D 148 -11.14 -10.88 -49.32
C TRP D 148 -11.05 -11.91 -50.45
N TYR D 149 -11.31 -11.44 -51.67
CA TYR D 149 -11.28 -12.30 -52.85
C TYR D 149 -10.42 -11.67 -53.93
N VAL D 150 -9.37 -12.39 -54.31
CA VAL D 150 -8.51 -12.04 -55.43
C VAL D 150 -8.78 -13.08 -56.52
N ASP D 151 -9.25 -12.62 -57.68
CA ASP D 151 -9.60 -13.51 -58.79
C ASP D 151 -10.35 -14.74 -58.26
N ASN D 152 -11.39 -14.48 -57.48
CA ASN D 152 -12.29 -15.49 -56.89
C ASN D 152 -11.64 -16.36 -55.82
N ALA D 153 -10.39 -16.09 -55.45
CA ALA D 153 -9.68 -16.90 -54.47
C ALA D 153 -9.74 -16.23 -53.10
N LEU D 154 -10.35 -16.91 -52.13
CA LEU D 154 -10.49 -16.33 -50.81
C LEU D 154 -9.13 -16.18 -50.16
N GLN D 155 -8.84 -14.98 -49.65
CA GLN D 155 -7.53 -14.71 -49.08
C GLN D 155 -7.51 -15.10 -47.60
N SER D 156 -6.34 -15.50 -47.13
CA SER D 156 -6.17 -15.77 -45.72
C SER D 156 -4.71 -15.53 -45.34
N GLY D 157 -4.52 -14.90 -44.18
CA GLY D 157 -3.21 -14.56 -43.68
C GLY D 157 -2.69 -13.19 -44.13
N ASN D 158 -3.25 -12.60 -45.16
CA ASN D 158 -2.72 -11.33 -45.68
C ASN D 158 -3.69 -10.17 -45.53
N SER D 159 -4.57 -10.23 -44.51
CA SER D 159 -5.45 -9.12 -44.16
C SER D 159 -5.35 -8.87 -42.65
N GLN D 160 -5.59 -7.62 -42.27
CA GLN D 160 -5.66 -7.24 -40.85
C GLN D 160 -6.82 -6.30 -40.69
N GLU D 161 -7.41 -6.30 -39.49
CA GLU D 161 -8.60 -5.50 -39.22
C GLU D 161 -8.33 -4.62 -38.02
N SER D 162 -9.01 -3.47 -38.02
CA SER D 162 -8.98 -2.45 -36.99
C SER D 162 -10.40 -1.93 -36.82
N VAL D 163 -10.82 -1.72 -35.59
CA VAL D 163 -12.16 -1.28 -35.27
C VAL D 163 -12.12 -0.03 -34.40
N THR D 164 -13.00 0.92 -34.69
CA THR D 164 -13.13 2.07 -33.81
C THR D 164 -13.95 1.69 -32.59
N GLU D 165 -13.78 2.48 -31.53
CA GLU D 165 -14.67 2.44 -30.39
C GLU D 165 -16.03 3.02 -30.80
N GLN D 166 -17.00 2.92 -29.90
CA GLN D 166 -18.33 3.42 -30.17
C GLN D 166 -18.26 4.91 -30.50
N ASP D 167 -19.02 5.32 -31.51
CA ASP D 167 -19.00 6.72 -31.90
C ASP D 167 -19.61 7.58 -30.82
N SER D 168 -19.06 8.79 -30.65
CA SER D 168 -19.47 9.66 -29.57
C SER D 168 -20.87 10.24 -29.74
N LYS D 169 -21.49 10.10 -30.93
CA LYS D 169 -22.82 10.64 -31.17
C LYS D 169 -23.82 9.56 -31.51
N ASP D 170 -23.60 8.78 -32.56
CA ASP D 170 -24.56 7.77 -32.98
C ASP D 170 -24.27 6.36 -32.44
N SER D 171 -23.21 6.21 -31.65
CA SER D 171 -22.91 4.95 -30.95
C SER D 171 -22.74 3.76 -31.90
N THR D 172 -22.26 4.00 -33.12
CA THR D 172 -21.93 2.91 -34.02
C THR D 172 -20.46 2.59 -33.94
N TYR D 173 -20.10 1.47 -34.55
CA TYR D 173 -18.72 1.10 -34.76
C TYR D 173 -18.42 1.21 -36.24
N SER D 174 -17.13 1.37 -36.54
CA SER D 174 -16.61 1.36 -37.89
C SER D 174 -15.36 0.50 -37.92
N LEU D 175 -15.20 -0.23 -39.00
CA LEU D 175 -14.15 -1.20 -39.10
C LEU D 175 -13.39 -0.93 -40.39
N SER D 176 -12.09 -1.22 -40.38
CA SER D 176 -11.33 -1.22 -41.62
C SER D 176 -10.67 -2.58 -41.78
N SER D 177 -10.57 -3.02 -43.02
CA SER D 177 -9.79 -4.21 -43.38
C SER D 177 -8.84 -3.84 -44.49
N THR D 178 -7.60 -4.33 -44.38
CA THR D 178 -6.52 -4.05 -45.33
C THR D 178 -5.89 -5.37 -45.76
N LEU D 179 -5.94 -5.63 -47.06
CA LEU D 179 -5.34 -6.80 -47.66
C LEU D 179 -4.03 -6.35 -48.28
N THR D 180 -2.90 -6.95 -47.90
CA THR D 180 -1.63 -6.51 -48.44
C THR D 180 -1.10 -7.58 -49.39
N LEU D 181 -0.84 -7.20 -50.64
CA LEU D 181 -0.27 -8.10 -51.63
C LEU D 181 1.05 -7.55 -52.14
N SER D 182 1.87 -8.45 -52.68
CA SER D 182 3.07 -8.00 -53.36
C SER D 182 2.66 -7.29 -54.65
N LYS D 183 3.51 -6.36 -55.10
CA LYS D 183 3.23 -5.69 -56.37
C LYS D 183 3.00 -6.71 -57.47
N ALA D 184 3.93 -7.66 -57.62
CA ALA D 184 3.81 -8.65 -58.69
C ALA D 184 2.55 -9.48 -58.53
N ASP D 185 2.29 -9.97 -57.31
CA ASP D 185 1.07 -10.75 -57.10
C ASP D 185 -0.17 -9.90 -57.38
N TYR D 186 -0.10 -8.60 -57.11
CA TYR D 186 -1.25 -7.73 -57.38
C TYR D 186 -1.45 -7.55 -58.87
N GLU D 187 -0.36 -7.30 -59.60
CA GLU D 187 -0.46 -7.03 -61.03
C GLU D 187 -0.73 -8.29 -61.83
N LYS D 188 -0.72 -9.48 -61.20
CA LYS D 188 -1.05 -10.72 -61.90
C LYS D 188 -2.55 -10.91 -62.05
N HIS D 189 -3.34 -10.36 -61.12
CA HIS D 189 -4.78 -10.54 -61.05
C HIS D 189 -5.52 -9.24 -61.35
N LYS D 190 -6.85 -9.35 -61.50
CA LYS D 190 -7.66 -8.25 -62.02
C LYS D 190 -8.81 -7.88 -61.09
N VAL D 191 -9.60 -8.85 -60.65
CA VAL D 191 -10.84 -8.56 -59.93
C VAL D 191 -10.61 -8.73 -58.43
N TYR D 192 -10.87 -7.65 -57.70
CA TYR D 192 -10.63 -7.54 -56.28
C TYR D 192 -11.95 -7.21 -55.59
N ALA D 193 -12.31 -8.01 -54.58
CA ALA D 193 -13.63 -7.94 -53.98
C ALA D 193 -13.52 -8.02 -52.47
N CYS D 194 -14.39 -7.27 -51.81
CA CYS D 194 -14.53 -7.23 -50.38
C CYS D 194 -15.94 -7.71 -50.04
N GLU D 195 -16.05 -8.91 -49.49
CA GLU D 195 -17.34 -9.39 -49.03
C GLU D 195 -17.53 -9.10 -47.54
N VAL D 196 -18.65 -8.49 -47.21
CA VAL D 196 -19.01 -8.18 -45.84
C VAL D 196 -20.29 -8.92 -45.49
N THR D 197 -20.25 -9.70 -44.42
CA THR D 197 -21.45 -10.27 -43.80
C THR D 197 -21.61 -9.59 -42.45
N GLN D 198 -22.77 -8.97 -42.24
CA GLN D 198 -23.11 -8.34 -40.96
C GLN D 198 -24.61 -8.36 -40.75
N GLY D 199 -25.04 -8.77 -39.56
CA GLY D 199 -26.46 -8.88 -39.29
C GLY D 199 -27.08 -9.78 -40.34
N THR D 200 -28.26 -9.39 -40.82
CA THR D 200 -28.88 -10.06 -41.97
C THR D 200 -28.47 -9.39 -43.28
N THR D 201 -27.21 -9.03 -43.45
CA THR D 201 -26.76 -8.32 -44.64
C THR D 201 -25.40 -8.83 -45.11
N SER D 202 -25.32 -9.12 -46.39
CA SER D 202 -24.06 -9.40 -47.06
C SER D 202 -23.92 -8.38 -48.19
N VAL D 203 -22.74 -7.78 -48.26
CA VAL D 203 -22.42 -6.73 -49.23
C VAL D 203 -21.10 -7.11 -49.88
N THR D 204 -21.05 -7.06 -51.21
CA THR D 204 -19.81 -7.26 -51.94
C THR D 204 -19.51 -6.00 -52.74
N LYS D 205 -18.33 -5.44 -52.51
CA LYS D 205 -17.84 -4.30 -53.25
C LYS D 205 -16.61 -4.75 -54.03
N SER D 206 -16.53 -4.39 -55.31
CA SER D 206 -15.44 -4.94 -56.10
C SER D 206 -14.91 -3.89 -57.07
N PHE D 207 -13.71 -4.15 -57.59
CA PHE D 207 -13.16 -3.35 -58.68
C PHE D 207 -12.29 -4.24 -59.56
N ASN D 208 -12.12 -3.82 -60.80
CA ASN D 208 -11.24 -4.50 -61.74
C ASN D 208 -9.98 -3.66 -61.92
N ARG D 209 -8.84 -4.32 -61.86
CA ARG D 209 -7.59 -3.58 -61.76
C ARG D 209 -7.39 -2.69 -62.98
N GLY D 210 -7.29 -1.38 -62.70
CA GLY D 210 -7.05 -0.35 -63.70
C GLY D 210 -8.26 0.14 -64.47
N GLU D 211 -9.42 0.27 -63.83
CA GLU D 211 -10.64 0.66 -64.51
C GLU D 211 -11.05 2.08 -64.11
N CYS D 212 -11.90 2.67 -64.93
CA CYS D 212 -12.30 4.05 -64.69
C CYS D 212 -13.46 4.49 -65.59
C1 EDO E . 17.86 -5.56 24.88
O1 EDO E . 18.29 -5.64 26.26
C2 EDO E . 18.93 -6.19 23.94
O2 EDO E . 18.86 -5.54 22.65
C1 EDO F . 20.08 -5.10 19.61
O1 EDO F . 20.81 -6.22 19.12
C2 EDO F . 20.91 -3.83 19.46
O2 EDO F . 19.99 -2.74 19.57
S SO4 G . 19.29 -28.08 26.75
O1 SO4 G . 17.97 -27.76 27.32
O2 SO4 G . 19.87 -26.84 26.27
O3 SO4 G . 20.19 -28.59 27.80
O4 SO4 G . 19.19 -29.08 25.68
S SO4 H . 6.62 -6.08 21.46
O1 SO4 H . 5.64 -6.23 20.36
O2 SO4 H . 6.83 -4.64 21.72
O3 SO4 H . 6.09 -6.74 22.67
O4 SO4 H . 7.92 -6.68 21.12
CL CL I . 8.41 -7.08 9.76
S SO4 J . 32.99 10.63 38.24
O1 SO4 J . 31.76 10.04 37.66
O2 SO4 J . 32.82 12.08 38.45
O3 SO4 J . 33.30 10.05 39.55
O4 SO4 J . 34.13 10.37 37.35
CL CL K . 36.91 -13.10 24.99
CL CL L . 0.09 -1.61 30.75
CL CL M . 11.19 -1.65 -34.55
#